data_8DJD
#
_entry.id   8DJD
#
_cell.length_a   80.677
_cell.length_b   83.659
_cell.length_c   177.306
_cell.angle_alpha   90.00
_cell.angle_beta   90.00
_cell.angle_gamma   90.00
#
_symmetry.space_group_name_H-M   'P 21 21 21'
#
loop_
_entity.id
_entity.type
_entity.pdbx_description
1 polymer 'Glycogen synthase kinase-3 beta'
2 non-polymer 2-[(cyclopropanecarbonyl)amino]-N-(5-phenylpyridin-3-yl)pyridine-4-carboxamide
3 water water
#
_entity_poly.entity_id   1
_entity_poly.type   'polypeptide(L)'
_entity_poly.pdbx_seq_one_letter_code
;MHSSHHHHHHSSGENLYFQGHMSGRPRTTSFAESCKPVQQPSAFGSMKVSRDKDGSKVTTVVATPGQGPDRPQEVSYTDT
KVIGNGSFGVVYQAKLCDSGELVAIKKVLQDKRFKNRELQIMRKLDHCNIVRLRYFFYSSGEKKDEVYLNLVLDYVPETV
YRVARHYSRAKQTLPVIYVKLYMYQLFRSLAYIHSFGICHRDIKPQNLLLDPDTAVLKLCDFGSAKQLVRGEPNVSYICS
RYYRAPELIFGATDYTSSIDVWSAGCVLAELLLGQPIFPGDSGVDQLVEIIKVLGTPTREQIREMNPNYTEFKFPQIKAH
PWTKVFRPRTPPEAIALCSRLLEYTPTARLTPLEACAHSFFDELRDPNVKLPNGRDTPALFNFTTQELSSNPPLATILIP
PHARIQAAASTPTNATAASDANTGDRGQTNNAASASASNST
;
_entity_poly.pdbx_strand_id   A,B
#
loop_
_chem_comp.id
_chem_comp.type
_chem_comp.name
_chem_comp.formula
U3E non-polymer 2-[(cyclopropanecarbonyl)amino]-N-(5-phenylpyridin-3-yl)pyridine-4-carboxamide 'C21 H18 N4 O2'
#
# COMPACT_ATOMS: atom_id res chain seq x y z
N LYS A 57 -33.66 18.97 -0.38
CA LYS A 57 -34.02 20.29 -0.86
C LYS A 57 -32.91 21.28 -0.58
N VAL A 58 -33.23 22.42 0.05
CA VAL A 58 -32.25 23.45 0.41
C VAL A 58 -31.84 23.28 1.88
N THR A 59 -30.51 23.32 2.13
CA THR A 59 -29.93 23.25 3.47
C THR A 59 -29.32 24.63 3.77
N THR A 60 -29.64 25.21 4.92
CA THR A 60 -29.11 26.52 5.30
C THR A 60 -28.33 26.35 6.57
N VAL A 61 -27.09 26.86 6.57
CA VAL A 61 -26.19 26.80 7.73
C VAL A 61 -25.58 28.18 7.97
N VAL A 62 -24.95 28.37 9.13
CA VAL A 62 -24.24 29.58 9.45
C VAL A 62 -22.76 29.16 9.42
N ALA A 63 -22.07 29.56 8.35
CA ALA A 63 -20.68 29.17 8.12
C ALA A 63 -19.75 30.37 8.14
N THR A 64 -18.51 30.13 8.56
CA THR A 64 -17.47 31.13 8.67
C THR A 64 -16.66 31.13 7.39
N PRO A 65 -16.42 32.29 6.73
CA PRO A 65 -15.57 32.29 5.53
C PRO A 65 -14.17 31.74 5.83
N GLY A 66 -13.56 31.06 4.86
CA GLY A 66 -12.24 30.47 5.03
C GLY A 66 -11.16 31.49 5.29
N GLN A 67 -11.22 32.63 4.58
CA GLN A 67 -10.25 33.72 4.73
C GLN A 67 -10.95 34.97 5.30
N GLY A 68 -10.18 35.82 5.95
CA GLY A 68 -10.69 37.07 6.50
C GLY A 68 -11.12 36.94 7.95
N PRO A 69 -11.72 38.00 8.50
CA PRO A 69 -12.13 37.94 9.92
C PRO A 69 -13.26 36.95 10.17
N ASP A 70 -13.30 36.39 11.37
CA ASP A 70 -14.30 35.41 11.76
C ASP A 70 -15.69 36.06 11.89
N ARG A 71 -16.46 36.09 10.81
CA ARG A 71 -17.80 36.66 10.83
C ARG A 71 -18.74 35.72 10.07
N PRO A 72 -19.41 34.80 10.80
CA PRO A 72 -20.25 33.82 10.12
C PRO A 72 -21.40 34.42 9.33
N GLN A 73 -21.76 33.72 8.26
CA GLN A 73 -22.82 34.12 7.35
C GLN A 73 -23.78 32.97 7.13
N GLU A 74 -25.03 33.28 6.78
CA GLU A 74 -26.00 32.27 6.41
C GLU A 74 -25.64 31.83 4.97
N VAL A 75 -25.50 30.52 4.74
CA VAL A 75 -25.11 29.96 3.46
C VAL A 75 -26.08 28.84 3.15
N SER A 76 -26.72 28.88 1.97
CA SER A 76 -27.68 27.88 1.53
C SER A 76 -27.13 27.09 0.34
N TYR A 77 -27.32 25.77 0.36
CA TYR A 77 -26.87 24.88 -0.70
C TYR A 77 -27.88 23.76 -0.95
N THR A 78 -27.83 23.17 -2.14
CA THR A 78 -28.77 22.12 -2.56
C THR A 78 -28.04 21.08 -3.46
N ASP A 79 -28.79 20.06 -3.96
CA ASP A 79 -28.24 19.00 -4.80
C ASP A 79 -27.09 18.28 -4.09
N THR A 80 -27.23 18.03 -2.79
CA THR A 80 -26.19 17.39 -2.02
C THR A 80 -26.12 15.90 -2.33
N LYS A 81 -24.94 15.41 -2.72
CA LYS A 81 -24.73 13.99 -3.03
C LYS A 81 -23.34 13.55 -2.56
N VAL A 82 -23.19 12.29 -2.13
CA VAL A 82 -21.91 11.78 -1.67
C VAL A 82 -20.99 11.59 -2.87
N ILE A 83 -19.74 12.06 -2.79
CA ILE A 83 -18.76 11.87 -3.87
C ILE A 83 -17.49 11.11 -3.38
N GLY A 84 -17.38 10.82 -2.09
CA GLY A 84 -16.23 10.11 -1.55
C GLY A 84 -16.42 9.71 -0.11
N ASN A 85 -15.86 8.56 0.28
CA ASN A 85 -15.89 8.01 1.63
C ASN A 85 -14.46 7.56 1.95
N GLY A 86 -13.93 7.98 3.09
CA GLY A 86 -12.59 7.62 3.51
C GLY A 86 -12.47 7.44 5.00
N SER A 87 -11.26 7.19 5.49
CA SER A 87 -11.02 7.00 6.92
C SER A 87 -11.45 8.22 7.75
N PHE A 88 -11.26 9.44 7.20
CA PHE A 88 -11.61 10.72 7.84
C PHE A 88 -13.13 10.96 8.00
N GLY A 89 -13.92 10.44 7.06
CA GLY A 89 -15.36 10.67 7.02
C GLY A 89 -15.87 10.66 5.59
N VAL A 90 -16.71 11.65 5.23
CA VAL A 90 -17.37 11.72 3.92
C VAL A 90 -17.10 13.05 3.21
N VAL A 91 -17.13 13.05 1.85
CA VAL A 91 -17.00 14.26 1.04
C VAL A 91 -18.26 14.31 0.17
N TYR A 92 -19.01 15.41 0.24
CA TYR A 92 -20.22 15.62 -0.55
C TYR A 92 -19.98 16.66 -1.64
N GLN A 93 -20.84 16.71 -2.64
CA GLN A 93 -20.86 17.78 -3.62
C GLN A 93 -22.20 18.48 -3.41
N ALA A 94 -22.22 19.79 -3.56
CA ALA A 94 -23.44 20.59 -3.40
C ALA A 94 -23.32 21.84 -4.28
N LYS A 95 -24.45 22.50 -4.54
CA LYS A 95 -24.52 23.70 -5.36
C LYS A 95 -24.99 24.83 -4.44
N LEU A 96 -24.25 25.95 -4.42
CA LEU A 96 -24.63 27.10 -3.60
C LEU A 96 -25.84 27.76 -4.24
N CYS A 97 -26.88 28.06 -3.45
CA CYS A 97 -28.12 28.63 -4.00
C CYS A 97 -27.94 30.04 -4.59
N ASP A 98 -27.16 30.89 -3.94
CA ASP A 98 -26.99 32.27 -4.40
C ASP A 98 -26.29 32.41 -5.76
N SER A 99 -25.22 31.65 -5.99
CA SER A 99 -24.42 31.76 -7.22
C SER A 99 -24.47 30.58 -8.17
N GLY A 100 -24.98 29.43 -7.73
CA GLY A 100 -24.96 28.22 -8.54
C GLY A 100 -23.60 27.55 -8.60
N GLU A 101 -22.59 28.08 -7.88
CA GLU A 101 -21.25 27.51 -7.87
C GLU A 101 -21.23 26.16 -7.14
N LEU A 102 -20.48 25.21 -7.66
CA LEU A 102 -20.38 23.88 -7.07
C LEU A 102 -19.29 23.89 -5.99
N VAL A 103 -19.52 23.14 -4.92
CA VAL A 103 -18.57 23.00 -3.83
C VAL A 103 -18.45 21.53 -3.43
N ALA A 104 -17.35 21.19 -2.77
CA ALA A 104 -17.13 19.91 -2.14
C ALA A 104 -17.19 20.20 -0.63
N ILE A 105 -17.89 19.36 0.14
CA ILE A 105 -17.99 19.54 1.57
C ILE A 105 -17.35 18.34 2.22
N LYS A 106 -16.18 18.52 2.84
CA LYS A 106 -15.48 17.45 3.52
C LYS A 106 -15.93 17.47 4.97
N LYS A 107 -16.64 16.42 5.41
CA LYS A 107 -17.18 16.30 6.76
C LYS A 107 -16.31 15.35 7.59
N VAL A 108 -15.67 15.86 8.65
CA VAL A 108 -14.81 15.11 9.57
C VAL A 108 -15.31 15.27 11.03
N LEU A 109 -15.09 14.26 11.87
CA LEU A 109 -15.47 14.32 13.29
C LEU A 109 -14.51 15.26 14.02
N GLN A 110 -15.03 16.20 14.83
CA GLN A 110 -14.20 17.19 15.54
C GLN A 110 -13.65 16.56 16.83
N ASP A 111 -12.31 16.60 17.02
CA ASP A 111 -11.62 15.97 18.16
C ASP A 111 -12.13 16.35 19.58
N LYS A 112 -12.58 17.60 19.79
CA LYS A 112 -13.06 18.10 21.09
C LYS A 112 -11.90 18.58 21.97
N ARG A 113 -10.81 17.78 22.10
CA ARG A 113 -9.65 18.19 22.88
C ARG A 113 -8.78 19.25 22.19
N PHE A 114 -8.79 19.34 20.84
CA PHE A 114 -7.95 20.33 20.14
C PHE A 114 -8.56 20.84 18.83
N LYS A 115 -8.05 21.97 18.34
CA LYS A 115 -8.48 22.56 17.08
C LYS A 115 -8.04 21.63 15.92
N ASN A 116 -8.85 21.55 14.85
CA ASN A 116 -8.54 20.68 13.73
C ASN A 116 -7.35 21.24 12.96
N ARG A 117 -6.26 20.45 12.84
CA ARG A 117 -5.03 20.88 12.17
C ARG A 117 -5.27 21.19 10.69
N GLU A 118 -6.05 20.37 9.98
CA GLU A 118 -6.35 20.62 8.56
C GLU A 118 -7.02 21.99 8.38
N LEU A 119 -8.00 22.33 9.25
CA LEU A 119 -8.67 23.63 9.20
C LEU A 119 -7.67 24.76 9.45
N GLN A 120 -6.81 24.64 10.48
CA GLN A 120 -5.83 25.68 10.79
C GLN A 120 -4.90 25.95 9.61
N ILE A 121 -4.46 24.87 8.92
CA ILE A 121 -3.59 25.00 7.75
C ILE A 121 -4.35 25.65 6.59
N MET A 122 -5.56 25.16 6.33
CA MET A 122 -6.38 25.69 5.24
C MET A 122 -6.70 27.17 5.39
N ARG A 123 -6.91 27.65 6.63
CA ARG A 123 -7.24 29.06 6.85
C ARG A 123 -6.05 30.01 6.54
N LYS A 124 -4.80 29.51 6.56
CA LYS A 124 -3.60 30.29 6.24
C LYS A 124 -3.27 30.29 4.75
N LEU A 125 -3.78 29.34 3.95
CA LEU A 125 -3.41 29.20 2.54
C LEU A 125 -4.27 30.03 1.59
N ASP A 126 -3.61 30.69 0.66
CA ASP A 126 -4.24 31.50 -0.37
C ASP A 126 -3.33 31.41 -1.60
N HIS A 127 -3.62 30.50 -2.53
CA HIS A 127 -2.77 30.30 -3.71
C HIS A 127 -3.60 29.70 -4.84
N CYS A 128 -3.40 30.15 -6.08
CA CYS A 128 -4.14 29.70 -7.28
C CYS A 128 -4.01 28.19 -7.57
N ASN A 129 -2.97 27.52 -7.00
CA ASN A 129 -2.77 26.08 -7.17
C ASN A 129 -3.02 25.28 -5.91
N ILE A 130 -3.89 25.78 -5.03
CA ILE A 130 -4.31 25.07 -3.85
C ILE A 130 -5.82 25.22 -3.77
N VAL A 131 -6.51 24.14 -3.46
CA VAL A 131 -7.98 24.14 -3.39
C VAL A 131 -8.46 25.21 -2.35
N ARG A 132 -9.42 26.04 -2.75
CA ARG A 132 -9.89 27.14 -1.92
C ARG A 132 -10.89 26.73 -0.86
N LEU A 133 -10.59 27.04 0.41
CA LEU A 133 -11.51 26.85 1.51
C LEU A 133 -12.45 28.08 1.47
N ARG A 134 -13.66 27.90 0.99
CA ARG A 134 -14.64 28.97 0.89
C ARG A 134 -15.29 29.27 2.26
N TYR A 135 -15.74 28.23 2.96
CA TYR A 135 -16.35 28.35 4.29
C TYR A 135 -16.03 27.10 5.12
N PHE A 136 -16.32 27.18 6.41
CA PHE A 136 -16.31 26.02 7.30
C PHE A 136 -17.45 26.21 8.28
N PHE A 137 -18.06 25.10 8.73
CA PHE A 137 -19.15 25.13 9.70
C PHE A 137 -19.15 23.86 10.53
N TYR A 138 -19.72 23.93 11.73
CA TYR A 138 -19.88 22.79 12.61
C TYR A 138 -21.31 22.27 12.56
N SER A 139 -21.49 20.97 12.77
CA SER A 139 -22.81 20.35 12.72
C SER A 139 -22.86 19.05 13.53
N SER A 140 -24.06 18.44 13.65
CA SER A 140 -24.25 17.17 14.34
C SER A 140 -23.71 16.03 13.46
N GLU A 146 -21.88 14.41 19.58
CA GLU A 146 -20.55 14.59 18.96
C GLU A 146 -20.62 15.63 17.82
N VAL A 147 -19.61 16.52 17.74
CA VAL A 147 -19.54 17.60 16.75
C VAL A 147 -18.75 17.20 15.48
N TYR A 148 -19.17 17.71 14.31
CA TYR A 148 -18.50 17.47 13.03
C TYR A 148 -18.08 18.82 12.41
N LEU A 149 -16.90 18.84 11.79
CA LEU A 149 -16.38 20.00 11.06
C LEU A 149 -16.63 19.74 9.57
N ASN A 150 -17.14 20.75 8.87
CA ASN A 150 -17.46 20.68 7.46
C ASN A 150 -16.64 21.72 6.74
N LEU A 151 -15.74 21.29 5.87
CA LEU A 151 -14.90 22.20 5.10
C LEU A 151 -15.55 22.34 3.75
N VAL A 152 -15.94 23.55 3.37
CA VAL A 152 -16.59 23.86 2.10
C VAL A 152 -15.53 24.39 1.15
N LEU A 153 -15.19 23.60 0.14
CA LEU A 153 -14.14 23.89 -0.83
C LEU A 153 -14.72 24.13 -2.21
N ASP A 154 -14.09 24.99 -3.04
CA ASP A 154 -14.55 25.17 -4.42
C ASP A 154 -14.36 23.85 -5.18
N TYR A 155 -15.42 23.36 -5.82
CA TYR A 155 -15.36 22.09 -6.53
C TYR A 155 -14.55 22.20 -7.81
N VAL A 156 -13.69 21.21 -8.06
CA VAL A 156 -12.85 21.14 -9.27
C VAL A 156 -13.27 19.80 -9.94
N PRO A 157 -13.62 19.76 -11.24
CA PRO A 157 -14.26 18.54 -11.79
C PRO A 157 -13.41 17.30 -12.05
N GLU A 158 -12.09 17.42 -12.24
CA GLU A 158 -11.23 16.28 -12.55
C GLU A 158 -10.04 16.18 -11.61
N THR A 159 -9.24 15.13 -11.79
CA THR A 159 -8.03 14.86 -11.05
C THR A 159 -7.01 14.30 -12.02
N VAL A 160 -5.72 14.39 -11.68
CA VAL A 160 -4.66 13.82 -12.49
C VAL A 160 -4.83 12.29 -12.53
N TYR A 161 -5.30 11.66 -11.45
CA TYR A 161 -5.54 10.22 -11.41
C TYR A 161 -6.56 9.81 -12.50
N ARG A 162 -7.72 10.48 -12.56
CA ARG A 162 -8.75 10.14 -13.55
C ARG A 162 -8.27 10.40 -14.98
N VAL A 163 -7.59 11.54 -15.23
CA VAL A 163 -7.11 11.87 -16.57
C VAL A 163 -6.01 10.88 -17.02
N ALA A 164 -5.03 10.59 -16.15
CA ALA A 164 -3.98 9.62 -16.50
C ALA A 164 -4.57 8.23 -16.76
N ARG A 165 -5.65 7.84 -16.04
CA ARG A 165 -6.29 6.54 -16.24
C ARG A 165 -6.99 6.49 -17.62
N HIS A 166 -7.56 7.62 -18.08
CA HIS A 166 -8.21 7.67 -19.40
C HIS A 166 -7.17 7.43 -20.49
N TYR A 167 -6.02 8.09 -20.41
CA TYR A 167 -4.97 7.92 -21.40
C TYR A 167 -4.39 6.52 -21.33
N SER A 168 -4.16 6.00 -20.13
CA SER A 168 -3.59 4.67 -19.97
C SER A 168 -4.53 3.60 -20.54
N ARG A 169 -5.85 3.70 -20.29
CA ARG A 169 -6.82 2.74 -20.83
C ARG A 169 -6.91 2.85 -22.36
N ALA A 170 -6.75 4.05 -22.93
CA ALA A 170 -6.78 4.24 -24.39
C ALA A 170 -5.41 3.96 -25.04
N LYS A 171 -4.42 3.40 -24.30
CA LYS A 171 -3.08 3.11 -24.81
C LYS A 171 -2.41 4.35 -25.44
N GLN A 172 -2.65 5.53 -24.84
CA GLN A 172 -2.07 6.80 -25.27
C GLN A 172 -1.36 7.44 -24.05
N THR A 173 -0.42 8.35 -24.28
CA THR A 173 0.21 9.07 -23.19
C THR A 173 -0.37 10.47 -23.16
N LEU A 174 -0.41 11.06 -21.97
CA LEU A 174 -0.88 12.43 -21.79
C LEU A 174 0.09 13.35 -22.54
N PRO A 175 -0.38 14.21 -23.46
CA PRO A 175 0.57 15.12 -24.15
C PRO A 175 1.52 15.86 -23.21
N VAL A 176 2.79 15.97 -23.61
CA VAL A 176 3.84 16.59 -22.80
C VAL A 176 3.47 18.03 -22.41
N ILE A 177 2.67 18.77 -23.20
CA ILE A 177 2.26 20.13 -22.81
C ILE A 177 1.48 20.11 -21.49
N TYR A 178 0.63 19.09 -21.28
CA TYR A 178 -0.11 18.97 -20.03
C TYR A 178 0.79 18.46 -18.91
N VAL A 179 1.79 17.62 -19.22
CA VAL A 179 2.75 17.14 -18.21
C VAL A 179 3.52 18.36 -17.66
N LYS A 180 3.95 19.27 -18.55
CA LYS A 180 4.62 20.51 -18.14
C LYS A 180 3.67 21.38 -17.30
N LEU A 181 2.48 21.68 -17.81
CA LEU A 181 1.54 22.54 -17.11
C LEU A 181 1.17 22.01 -15.72
N TYR A 182 0.84 20.72 -15.60
CA TYR A 182 0.40 20.16 -14.33
C TYR A 182 1.55 20.05 -13.32
N MET A 183 2.71 19.56 -13.75
CA MET A 183 3.85 19.43 -12.86
C MET A 183 4.35 20.77 -12.37
N TYR A 184 4.35 21.79 -13.25
CA TYR A 184 4.79 23.13 -12.86
C TYR A 184 3.87 23.70 -11.78
N GLN A 185 2.56 23.59 -11.97
CA GLN A 185 1.60 24.10 -10.99
C GLN A 185 1.66 23.31 -9.67
N LEU A 186 1.99 22.01 -9.73
CA LEU A 186 2.17 21.21 -8.51
C LEU A 186 3.43 21.74 -7.76
N PHE A 187 4.54 21.97 -8.48
CA PHE A 187 5.75 22.50 -7.85
C PHE A 187 5.52 23.90 -7.26
N ARG A 188 4.65 24.72 -7.85
CA ARG A 188 4.33 26.06 -7.31
C ARG A 188 3.56 25.91 -6.01
N SER A 189 2.57 24.99 -5.95
CA SER A 189 1.82 24.76 -4.71
C SER A 189 2.76 24.27 -3.59
N LEU A 190 3.73 23.43 -3.93
CA LEU A 190 4.71 22.93 -2.98
C LEU A 190 5.62 24.03 -2.50
N ALA A 191 6.12 24.88 -3.40
CA ALA A 191 6.95 26.04 -3.03
C ALA A 191 6.22 26.92 -1.99
N TYR A 192 4.93 27.18 -2.24
CA TYR A 192 4.10 27.97 -1.36
C TYR A 192 3.93 27.34 0.02
N ILE A 193 3.42 26.07 0.12
CA ILE A 193 3.24 25.46 1.44
C ILE A 193 4.58 25.23 2.15
N HIS A 194 5.65 24.88 1.42
CA HIS A 194 6.96 24.66 2.04
C HIS A 194 7.54 25.98 2.58
N SER A 195 7.17 27.13 1.98
CA SER A 195 7.64 28.43 2.48
C SER A 195 7.13 28.73 3.92
N PHE A 196 6.02 28.08 4.34
CA PHE A 196 5.52 28.17 5.71
C PHE A 196 6.04 27.02 6.60
N GLY A 197 6.91 26.15 6.07
CA GLY A 197 7.37 24.96 6.76
C GLY A 197 6.35 23.81 6.69
N ILE A 198 5.25 23.98 5.90
CA ILE A 198 4.20 22.97 5.79
C ILE A 198 4.48 21.92 4.71
N CYS A 199 4.49 20.65 5.11
CA CYS A 199 4.68 19.50 4.24
C CYS A 199 3.32 18.84 4.04
N HIS A 200 2.92 18.56 2.78
CA HIS A 200 1.63 17.94 2.48
C HIS A 200 1.56 16.48 3.01
N ARG A 201 2.64 15.70 2.76
CA ARG A 201 2.81 14.32 3.22
C ARG A 201 1.91 13.29 2.54
N ASP A 202 1.17 13.66 1.49
CA ASP A 202 0.37 12.68 0.76
C ASP A 202 0.19 13.11 -0.69
N ILE A 203 1.28 13.54 -1.33
CA ILE A 203 1.23 13.95 -2.74
C ILE A 203 1.03 12.71 -3.60
N LYS A 204 -0.05 12.72 -4.40
CA LYS A 204 -0.37 11.61 -5.30
C LYS A 204 -1.40 12.09 -6.33
N PRO A 205 -1.52 11.40 -7.49
CA PRO A 205 -2.45 11.86 -8.54
C PRO A 205 -3.87 12.20 -8.09
N GLN A 206 -4.44 11.44 -7.16
CA GLN A 206 -5.80 11.68 -6.64
C GLN A 206 -5.94 13.03 -5.95
N ASN A 207 -4.85 13.55 -5.36
CA ASN A 207 -4.87 14.84 -4.67
C ASN A 207 -4.50 16.03 -5.56
N LEU A 208 -4.43 15.83 -6.89
CA LEU A 208 -4.10 16.88 -7.85
C LEU A 208 -5.36 17.13 -8.69
N LEU A 209 -6.16 18.10 -8.27
CA LEU A 209 -7.40 18.44 -8.96
C LEU A 209 -7.09 19.22 -10.26
N LEU A 210 -7.94 19.10 -11.29
CA LEU A 210 -7.75 19.74 -12.57
C LEU A 210 -9.06 20.27 -13.13
N ASP A 211 -8.99 21.43 -13.80
CA ASP A 211 -10.08 21.96 -14.59
C ASP A 211 -9.63 21.65 -16.05
N PRO A 212 -10.26 20.69 -16.75
CA PRO A 212 -9.77 20.32 -18.10
C PRO A 212 -9.82 21.43 -19.15
N ASP A 213 -10.73 22.41 -18.99
CA ASP A 213 -10.83 23.53 -19.92
C ASP A 213 -9.72 24.57 -19.73
N THR A 214 -9.43 24.99 -18.50
CA THR A 214 -8.41 26.00 -18.24
C THR A 214 -7.02 25.42 -17.98
N ALA A 215 -6.90 24.09 -17.76
CA ALA A 215 -5.65 23.39 -17.42
C ALA A 215 -5.09 23.84 -16.06
N VAL A 216 -5.95 24.36 -15.16
CA VAL A 216 -5.55 24.76 -13.83
C VAL A 216 -5.52 23.50 -12.96
N LEU A 217 -4.47 23.37 -12.14
CA LEU A 217 -4.29 22.28 -11.21
C LEU A 217 -4.37 22.88 -9.79
N LYS A 218 -5.08 22.21 -8.88
CA LYS A 218 -5.16 22.63 -7.49
C LYS A 218 -4.85 21.45 -6.59
N LEU A 219 -3.89 21.62 -5.68
CA LEU A 219 -3.53 20.60 -4.70
C LEU A 219 -4.65 20.52 -3.66
N CYS A 220 -5.05 19.30 -3.27
CA CYS A 220 -6.11 19.14 -2.28
C CYS A 220 -5.74 18.09 -1.21
N ASP A 221 -6.66 17.87 -0.25
CA ASP A 221 -6.54 16.97 0.87
C ASP A 221 -5.37 17.32 1.77
N PHE A 222 -5.61 18.24 2.68
CA PHE A 222 -4.60 18.63 3.66
C PHE A 222 -4.80 17.88 5.00
N GLY A 223 -5.41 16.69 4.95
CA GLY A 223 -5.65 15.84 6.12
C GLY A 223 -4.38 15.31 6.77
N SER A 224 -3.30 15.13 5.99
CA SER A 224 -2.00 14.65 6.50
C SER A 224 -0.98 15.78 6.65
N ALA A 225 -1.25 16.99 6.09
CA ALA A 225 -0.29 18.07 6.11
C ALA A 225 0.09 18.50 7.51
N LYS A 226 1.32 18.98 7.67
CA LYS A 226 1.76 19.52 8.95
C LYS A 226 3.07 20.26 8.85
N GLN A 227 3.28 21.22 9.75
CA GLN A 227 4.50 21.99 9.78
C GLN A 227 5.62 21.14 10.36
N LEU A 228 6.70 20.94 9.59
CA LEU A 228 7.85 20.15 10.02
C LEU A 228 8.88 21.08 10.65
N VAL A 229 9.17 20.88 11.94
CA VAL A 229 10.14 21.70 12.67
C VAL A 229 11.39 20.85 12.90
N ARG A 230 12.58 21.37 12.53
CA ARG A 230 13.85 20.63 12.69
C ARG A 230 14.05 20.22 14.16
N GLY A 231 14.40 18.96 14.38
CA GLY A 231 14.58 18.42 15.72
C GLY A 231 13.34 17.72 16.26
N GLU A 232 12.13 18.06 15.76
CA GLU A 232 10.91 17.42 16.22
C GLU A 232 10.64 16.14 15.41
N PRO A 233 10.38 14.98 16.06
CA PRO A 233 10.09 13.75 15.28
C PRO A 233 8.68 13.79 14.69
N ASN A 234 8.50 13.11 13.56
CA ASN A 234 7.21 13.04 12.86
C ASN A 234 6.91 11.60 12.47
N VAL A 235 5.63 11.23 12.42
CA VAL A 235 5.27 9.84 12.12
C VAL A 235 5.76 9.45 10.71
N SER A 236 6.39 8.27 10.58
CA SER A 236 6.89 7.83 9.28
C SER A 236 5.79 7.21 8.39
N TYR A 237 4.65 6.82 8.98
CA TYR A 237 3.60 6.07 8.31
C TYR A 237 2.61 6.93 7.50
N ILE A 238 3.08 8.07 7.00
CA ILE A 238 2.30 8.95 6.12
C ILE A 238 2.68 8.62 4.65
N CYS A 239 1.90 9.16 3.70
CA CYS A 239 2.13 9.03 2.26
C CYS A 239 1.70 7.64 1.75
N SER A 240 1.12 7.62 0.55
CA SER A 240 0.48 6.46 -0.03
C SER A 240 1.38 5.61 -0.91
N ARG A 241 1.05 4.30 -1.05
CA ARG A 241 1.85 3.37 -1.85
C ARG A 241 2.09 3.87 -3.26
N TYR A 242 3.34 3.70 -3.74
CA TYR A 242 3.89 4.14 -5.04
C TYR A 242 4.60 5.48 -4.90
N TYR A 243 4.15 6.36 -3.98
CA TYR A 243 4.66 7.73 -3.86
C TYR A 243 5.49 8.01 -2.61
N ARG A 244 5.84 6.98 -1.85
CA ARG A 244 6.58 7.17 -0.60
C ARG A 244 8.09 7.31 -0.84
N ALA A 245 8.70 8.33 -0.26
CA ALA A 245 10.15 8.52 -0.36
C ALA A 245 10.85 7.34 0.34
N PRO A 246 12.04 6.92 -0.11
CA PRO A 246 12.69 5.78 0.53
C PRO A 246 12.96 5.96 2.03
N GLU A 247 13.21 7.20 2.50
CA GLU A 247 13.39 7.44 3.93
C GLU A 247 12.12 7.10 4.72
N LEU A 248 10.92 7.27 4.13
CA LEU A 248 9.67 6.87 4.79
C LEU A 248 9.52 5.35 4.77
N ILE A 249 9.95 4.68 3.70
CA ILE A 249 9.89 3.22 3.62
C ILE A 249 10.80 2.63 4.72
N PHE A 250 11.97 3.25 4.95
CA PHE A 250 12.90 2.84 6.02
C PHE A 250 12.43 3.28 7.42
N GLY A 251 11.27 3.94 7.54
CA GLY A 251 10.73 4.33 8.84
C GLY A 251 11.41 5.52 9.51
N ALA A 252 11.98 6.45 8.72
CA ALA A 252 12.61 7.64 9.30
C ALA A 252 11.54 8.56 9.88
N THR A 253 11.83 9.13 11.06
CA THR A 253 10.97 10.11 11.73
C THR A 253 11.59 11.54 11.67
N ASP A 254 12.80 11.71 11.09
CA ASP A 254 13.49 13.00 10.95
C ASP A 254 13.46 13.52 9.50
N TYR A 255 12.48 13.07 8.69
CA TYR A 255 12.37 13.52 7.31
C TYR A 255 12.00 15.02 7.21
N THR A 256 12.21 15.58 6.03
CA THR A 256 11.95 16.99 5.73
C THR A 256 10.80 17.08 4.66
N SER A 257 10.49 18.30 4.20
CA SER A 257 9.52 18.53 3.15
C SER A 257 9.97 17.94 1.79
N SER A 258 11.25 17.53 1.65
CA SER A 258 11.71 16.92 0.41
C SER A 258 11.02 15.56 0.12
N ILE A 259 10.24 14.99 1.08
CA ILE A 259 9.45 13.78 0.81
C ILE A 259 8.35 14.13 -0.25
N ASP A 260 7.81 15.36 -0.23
CA ASP A 260 6.81 15.84 -1.21
C ASP A 260 7.43 15.95 -2.61
N VAL A 261 8.71 16.30 -2.69
CA VAL A 261 9.42 16.41 -3.96
C VAL A 261 9.65 15.03 -4.57
N TRP A 262 9.97 14.01 -3.74
CA TRP A 262 10.12 12.62 -4.21
C TRP A 262 8.77 12.18 -4.78
N SER A 263 7.68 12.43 -4.03
CA SER A 263 6.32 12.07 -4.46
C SER A 263 5.96 12.75 -5.77
N ALA A 264 6.31 14.05 -5.92
CA ALA A 264 6.05 14.78 -7.16
C ALA A 264 6.84 14.16 -8.33
N GLY A 265 8.10 13.75 -8.08
CA GLY A 265 8.90 13.03 -9.08
C GLY A 265 8.25 11.72 -9.53
N CYS A 266 7.62 10.97 -8.59
CA CYS A 266 6.90 9.73 -8.93
C CYS A 266 5.71 10.06 -9.83
N VAL A 267 5.01 11.19 -9.58
CA VAL A 267 3.87 11.61 -10.42
C VAL A 267 4.37 11.97 -11.81
N LEU A 268 5.47 12.71 -11.92
CA LEU A 268 6.04 13.07 -13.22
C LEU A 268 6.44 11.81 -14.01
N ALA A 269 7.17 10.87 -13.38
CA ALA A 269 7.59 9.64 -14.06
C ALA A 269 6.38 8.84 -14.53
N GLU A 270 5.32 8.79 -13.71
CA GLU A 270 4.09 8.08 -14.03
C GLU A 270 3.36 8.68 -15.23
N LEU A 271 3.30 10.02 -15.32
CA LEU A 271 2.66 10.67 -16.46
C LEU A 271 3.44 10.44 -17.76
N LEU A 272 4.77 10.27 -17.69
CA LEU A 272 5.61 9.96 -18.84
C LEU A 272 5.51 8.50 -19.23
N LEU A 273 5.53 7.58 -18.27
CA LEU A 273 5.45 6.15 -18.53
C LEU A 273 4.07 5.61 -18.84
N GLY A 274 3.02 6.24 -18.32
CA GLY A 274 1.66 5.70 -18.46
C GLY A 274 1.35 4.65 -17.40
N GLN A 275 2.23 4.49 -16.39
CA GLN A 275 2.06 3.57 -15.25
C GLN A 275 3.01 4.01 -14.10
N PRO A 276 2.75 3.60 -12.84
CA PRO A 276 3.67 4.01 -11.75
C PRO A 276 5.11 3.52 -11.96
N ILE A 277 6.10 4.34 -11.61
CA ILE A 277 7.51 3.95 -11.76
C ILE A 277 7.97 2.98 -10.68
N PHE A 278 7.47 3.10 -9.42
CA PHE A 278 7.90 2.22 -8.33
C PHE A 278 6.71 1.50 -7.70
N PRO A 279 6.06 0.58 -8.46
CA PRO A 279 4.90 -0.14 -7.91
C PRO A 279 5.29 -1.18 -6.85
N GLY A 280 4.29 -1.74 -6.20
CA GLY A 280 4.44 -2.76 -5.18
C GLY A 280 3.47 -2.53 -4.05
N ASP A 281 2.87 -3.60 -3.51
CA ASP A 281 1.96 -3.48 -2.37
C ASP A 281 2.67 -3.52 -1.02
N SER A 282 3.99 -3.77 -1.01
CA SER A 282 4.81 -3.76 0.20
C SER A 282 6.03 -2.88 -0.03
N GLY A 283 6.61 -2.39 1.04
CA GLY A 283 7.81 -1.57 0.95
C GLY A 283 8.99 -2.32 0.35
N VAL A 284 9.12 -3.65 0.57
CA VAL A 284 10.21 -4.43 -0.02
CA VAL A 284 10.21 -4.43 -0.01
C VAL A 284 10.13 -4.36 -1.54
N ASP A 285 8.93 -4.61 -2.11
CA ASP A 285 8.73 -4.58 -3.55
C ASP A 285 9.01 -3.19 -4.12
N GLN A 286 8.51 -2.16 -3.44
CA GLN A 286 8.71 -0.76 -3.83
C GLN A 286 10.19 -0.43 -3.83
N LEU A 287 10.90 -0.86 -2.79
CA LEU A 287 12.34 -0.63 -2.66
C LEU A 287 13.13 -1.39 -3.75
N VAL A 288 12.73 -2.62 -4.11
CA VAL A 288 13.38 -3.36 -5.20
C VAL A 288 13.19 -2.60 -6.54
N GLU A 289 12.00 -2.01 -6.76
CA GLU A 289 11.73 -1.24 -7.97
C GLU A 289 12.59 0.04 -7.99
N ILE A 290 12.74 0.71 -6.84
CA ILE A 290 13.59 1.89 -6.71
C ILE A 290 15.05 1.50 -7.04
N ILE A 291 15.55 0.41 -6.45
CA ILE A 291 16.92 -0.06 -6.67
C ILE A 291 17.15 -0.44 -8.14
N LYS A 292 16.14 -1.02 -8.83
CA LYS A 292 16.29 -1.34 -10.25
C LYS A 292 16.57 -0.09 -11.10
N VAL A 293 16.02 1.08 -10.71
CA VAL A 293 16.22 2.33 -11.45
C VAL A 293 17.46 3.10 -10.95
N LEU A 294 17.55 3.41 -9.65
CA LEU A 294 18.65 4.20 -9.10
C LEU A 294 19.92 3.44 -8.78
N GLY A 295 19.87 2.11 -8.80
CA GLY A 295 21.00 1.30 -8.36
C GLY A 295 20.98 1.16 -6.85
N THR A 296 21.86 0.33 -6.30
CA THR A 296 21.91 0.11 -4.85
C THR A 296 22.35 1.40 -4.15
N PRO A 297 21.70 1.84 -3.06
CA PRO A 297 22.16 3.08 -2.40
C PRO A 297 23.47 2.82 -1.65
N THR A 298 24.37 3.80 -1.63
CA THR A 298 25.64 3.67 -0.92
C THR A 298 25.40 3.71 0.60
N ARG A 299 26.41 3.35 1.42
CA ARG A 299 26.29 3.40 2.87
C ARG A 299 26.00 4.84 3.33
N GLU A 300 26.57 5.84 2.65
CA GLU A 300 26.34 7.24 2.96
C GLU A 300 24.88 7.61 2.61
N GLN A 301 24.39 7.25 1.40
CA GLN A 301 23.00 7.51 1.00
C GLN A 301 22.02 6.86 1.97
N ILE A 302 22.32 5.64 2.46
CA ILE A 302 21.49 4.94 3.43
C ILE A 302 21.45 5.75 4.74
N ARG A 303 22.61 6.23 5.23
CA ARG A 303 22.68 7.04 6.45
C ARG A 303 21.87 8.34 6.32
N GLU A 304 21.88 8.97 5.13
CA GLU A 304 21.11 10.19 4.87
C GLU A 304 19.59 9.93 4.94
N MET A 305 19.13 8.72 4.58
CA MET A 305 17.71 8.33 4.62
C MET A 305 17.35 7.87 6.05
N ASN A 306 18.07 6.85 6.56
CA ASN A 306 17.88 6.30 7.91
C ASN A 306 19.13 5.50 8.32
N PHE A 312 21.87 -3.73 6.72
CA PHE A 312 21.15 -4.78 5.99
C PHE A 312 21.75 -4.98 4.58
N LYS A 313 21.71 -6.22 4.08
CA LYS A 313 22.26 -6.59 2.78
C LYS A 313 21.24 -6.34 1.66
N PHE A 314 21.49 -5.33 0.82
CA PHE A 314 20.62 -4.99 -0.31
C PHE A 314 21.11 -5.71 -1.58
N PRO A 315 20.23 -5.97 -2.57
CA PRO A 315 20.70 -6.62 -3.81
C PRO A 315 21.64 -5.71 -4.60
N GLN A 316 22.87 -6.18 -4.89
CA GLN A 316 23.87 -5.40 -5.62
C GLN A 316 23.49 -5.25 -7.10
N ILE A 317 22.73 -4.19 -7.43
CA ILE A 317 22.26 -3.90 -8.77
C ILE A 317 22.88 -2.58 -9.26
N LYS A 318 23.33 -2.53 -10.52
CA LYS A 318 23.91 -1.31 -11.08
C LYS A 318 22.80 -0.33 -11.47
N ALA A 319 23.10 0.98 -11.47
CA ALA A 319 22.10 2.00 -11.81
C ALA A 319 21.67 1.87 -13.28
N HIS A 320 20.36 1.71 -13.52
CA HIS A 320 19.86 1.61 -14.89
C HIS A 320 19.91 3.02 -15.53
N PRO A 321 20.42 3.17 -16.76
CA PRO A 321 20.48 4.52 -17.36
C PRO A 321 19.09 5.13 -17.50
N TRP A 322 18.90 6.31 -16.89
CA TRP A 322 17.61 7.01 -16.89
C TRP A 322 16.97 7.16 -18.27
N THR A 323 17.79 7.31 -19.32
CA THR A 323 17.27 7.44 -20.69
C THR A 323 16.54 6.15 -21.14
N LYS A 324 17.02 4.98 -20.70
CA LYS A 324 16.41 3.68 -21.02
C LYS A 324 15.16 3.37 -20.16
N VAL A 325 14.91 4.14 -19.08
CA VAL A 325 13.74 3.93 -18.21
C VAL A 325 12.46 4.33 -18.97
N PHE A 326 12.51 5.44 -19.71
CA PHE A 326 11.35 5.97 -20.43
C PHE A 326 11.34 5.59 -21.93
N ARG A 327 10.21 5.81 -22.62
CA ARG A 327 10.09 5.52 -24.05
C ARG A 327 11.08 6.37 -24.88
N PRO A 328 11.47 5.96 -26.11
CA PRO A 328 12.43 6.77 -26.89
C PRO A 328 12.01 8.19 -27.22
N ARG A 329 10.71 8.45 -27.41
CA ARG A 329 10.23 9.80 -27.73
C ARG A 329 10.22 10.77 -26.52
N THR A 330 10.45 10.28 -25.28
CA THR A 330 10.40 11.13 -24.08
C THR A 330 11.40 12.30 -24.17
N PRO A 331 10.98 13.57 -23.92
CA PRO A 331 11.96 14.68 -23.98
C PRO A 331 13.10 14.48 -22.98
N PRO A 332 14.38 14.73 -23.36
CA PRO A 332 15.47 14.53 -22.39
C PRO A 332 15.43 15.47 -21.18
N GLU A 333 14.80 16.65 -21.29
CA GLU A 333 14.66 17.57 -20.15
C GLU A 333 13.73 16.95 -19.08
N ALA A 334 12.72 16.16 -19.50
CA ALA A 334 11.80 15.49 -18.58
C ALA A 334 12.53 14.42 -17.77
N ILE A 335 13.47 13.70 -18.42
CA ILE A 335 14.27 12.64 -17.81
C ILE A 335 15.27 13.28 -16.85
N ALA A 336 15.92 14.38 -17.26
CA ALA A 336 16.88 15.12 -16.44
C ALA A 336 16.18 15.63 -15.17
N LEU A 337 14.97 16.19 -15.30
CA LEU A 337 14.18 16.66 -14.16
C LEU A 337 13.87 15.48 -13.21
N CYS A 338 13.41 14.33 -13.75
CA CYS A 338 13.14 13.12 -12.96
C CYS A 338 14.33 12.71 -12.11
N SER A 339 15.53 12.61 -12.73
CA SER A 339 16.72 12.16 -12.00
C SER A 339 17.11 13.11 -10.88
N ARG A 340 16.79 14.40 -10.98
CA ARG A 340 17.11 15.36 -9.93
C ARG A 340 16.03 15.45 -8.81
N LEU A 341 14.85 14.81 -9.01
CA LEU A 341 13.78 14.75 -7.99
C LEU A 341 13.86 13.39 -7.28
N LEU A 342 14.07 12.31 -8.03
CA LEU A 342 14.13 10.96 -7.48
C LEU A 342 15.57 10.58 -7.09
N GLU A 343 16.08 11.26 -6.06
CA GLU A 343 17.43 11.06 -5.50
C GLU A 343 17.31 10.38 -4.14
N TYR A 344 18.21 9.43 -3.81
CA TYR A 344 18.20 8.80 -2.49
C TYR A 344 18.43 9.84 -1.39
N THR A 345 19.48 10.68 -1.52
CA THR A 345 19.82 11.69 -0.52
C THR A 345 18.74 12.78 -0.50
N PRO A 346 17.93 12.89 0.57
CA PRO A 346 16.87 13.91 0.58
C PRO A 346 17.34 15.34 0.28
N THR A 347 18.52 15.77 0.79
CA THR A 347 19.04 17.11 0.54
C THR A 347 19.54 17.32 -0.91
N ALA A 348 19.82 16.23 -1.66
CA ALA A 348 20.27 16.37 -3.05
C ALA A 348 19.09 16.65 -4.02
N ARG A 349 17.85 16.39 -3.62
CA ARG A 349 16.69 16.63 -4.51
C ARG A 349 16.49 18.13 -4.76
N LEU A 350 15.96 18.51 -5.92
CA LEU A 350 15.64 19.92 -6.18
C LEU A 350 14.57 20.39 -5.23
N THR A 351 14.57 21.69 -4.90
CA THR A 351 13.49 22.24 -4.09
C THR A 351 12.33 22.46 -5.10
N PRO A 352 11.10 22.65 -4.65
CA PRO A 352 10.00 22.93 -5.60
C PRO A 352 10.24 24.17 -6.47
N LEU A 353 10.84 25.23 -5.89
CA LEU A 353 11.10 26.46 -6.64
C LEU A 353 12.16 26.21 -7.72
N GLU A 354 13.24 25.48 -7.38
CA GLU A 354 14.26 25.09 -8.37
C GLU A 354 13.64 24.22 -9.48
N ALA A 355 12.70 23.32 -9.13
CA ALA A 355 12.02 22.48 -10.11
C ALA A 355 11.22 23.37 -11.08
N CYS A 356 10.48 24.38 -10.59
CA CYS A 356 9.75 25.34 -11.45
C CYS A 356 10.68 25.99 -12.48
N ALA A 357 11.91 26.34 -12.07
CA ALA A 357 12.92 27.00 -12.91
C ALA A 357 13.66 26.03 -13.85
N HIS A 358 13.37 24.72 -13.78
CA HIS A 358 14.03 23.73 -14.63
C HIS A 358 13.70 23.96 -16.11
N SER A 359 14.65 23.60 -16.99
CA SER A 359 14.49 23.79 -18.44
C SER A 359 13.33 22.99 -19.05
N PHE A 360 12.86 21.90 -18.39
CA PHE A 360 11.68 21.17 -18.88
C PHE A 360 10.45 22.10 -18.96
N PHE A 361 10.38 23.15 -18.11
CA PHE A 361 9.27 24.11 -18.12
C PHE A 361 9.52 25.39 -18.97
N ASP A 362 10.63 25.45 -19.75
CA ASP A 362 10.91 26.64 -20.58
C ASP A 362 9.80 26.93 -21.57
N GLU A 363 9.16 25.91 -22.17
CA GLU A 363 8.04 26.13 -23.12
C GLU A 363 6.92 26.96 -22.47
N LEU A 364 6.63 26.69 -21.19
CA LEU A 364 5.58 27.44 -20.48
C LEU A 364 5.90 28.94 -20.36
N ARG A 365 7.18 29.32 -20.37
CA ARG A 365 7.60 30.71 -20.29
C ARG A 365 7.68 31.43 -21.66
N ASP A 366 7.37 30.72 -22.76
CA ASP A 366 7.36 31.29 -24.12
C ASP A 366 6.10 32.13 -24.26
N PRO A 367 6.17 33.39 -24.74
CA PRO A 367 4.94 34.20 -24.86
C PRO A 367 3.92 33.73 -25.89
N ASN A 368 4.33 32.88 -26.84
CA ASN A 368 3.43 32.39 -27.88
C ASN A 368 2.73 31.07 -27.54
N VAL A 369 3.03 30.43 -26.38
CA VAL A 369 2.41 29.15 -26.04
C VAL A 369 0.92 29.30 -25.73
N LYS A 370 0.12 28.36 -26.22
CA LYS A 370 -1.31 28.33 -25.97
C LYS A 370 -1.72 26.88 -25.66
N LEU A 371 -2.91 26.70 -25.07
CA LEU A 371 -3.42 25.37 -24.76
C LEU A 371 -3.86 24.66 -26.07
N PRO A 372 -3.87 23.32 -26.13
CA PRO A 372 -4.38 22.64 -27.34
C PRO A 372 -5.81 23.03 -27.72
N ASN A 373 -6.65 23.48 -26.76
CA ASN A 373 -8.01 23.93 -27.07
C ASN A 373 -8.08 25.40 -27.57
N GLY A 374 -6.93 26.02 -27.87
CA GLY A 374 -6.88 27.39 -28.37
C GLY A 374 -6.82 28.47 -27.30
N ARG A 375 -7.25 28.18 -26.06
CA ARG A 375 -7.24 29.19 -24.99
C ARG A 375 -5.81 29.53 -24.52
N ASP A 376 -5.66 30.62 -23.75
CA ASP A 376 -4.39 31.00 -23.16
C ASP A 376 -4.07 30.07 -21.97
N THR A 377 -2.79 29.95 -21.62
CA THR A 377 -2.39 29.17 -20.46
C THR A 377 -2.93 29.83 -19.18
N PRO A 378 -3.16 29.05 -18.11
CA PRO A 378 -3.60 29.68 -16.85
C PRO A 378 -2.50 30.57 -16.24
N ALA A 379 -2.78 31.22 -15.10
CA ALA A 379 -1.79 32.05 -14.40
C ALA A 379 -0.59 31.19 -13.99
N LEU A 380 0.63 31.56 -14.38
CA LEU A 380 1.83 30.80 -14.05
C LEU A 380 2.96 31.61 -13.42
N PHE A 381 2.92 32.95 -13.51
CA PHE A 381 4.03 33.80 -13.09
C PHE A 381 3.69 34.83 -12.02
N ASN A 382 2.50 34.76 -11.40
CA ASN A 382 2.08 35.71 -10.35
C ASN A 382 2.68 35.30 -8.99
N PHE A 383 4.00 35.11 -8.94
CA PHE A 383 4.69 34.74 -7.72
C PHE A 383 4.69 35.89 -6.72
N THR A 384 4.53 35.58 -5.43
CA THR A 384 4.60 36.56 -4.33
C THR A 384 5.98 36.44 -3.64
N THR A 385 6.32 37.39 -2.77
CA THR A 385 7.58 37.38 -2.01
C THR A 385 7.66 36.10 -1.17
N GLN A 386 6.54 35.73 -0.52
CA GLN A 386 6.43 34.51 0.28
C GLN A 386 6.85 33.27 -0.53
N GLU A 387 6.28 33.13 -1.73
CA GLU A 387 6.52 31.98 -2.61
C GLU A 387 7.97 31.87 -3.08
N LEU A 388 8.63 33.01 -3.34
CA LEU A 388 10.03 33.01 -3.78
C LEU A 388 11.05 32.99 -2.64
N SER A 389 10.63 33.12 -1.37
CA SER A 389 11.51 33.27 -0.20
C SER A 389 12.67 32.27 -0.10
N SER A 390 12.50 31.02 -0.53
CA SER A 390 13.60 30.05 -0.43
C SER A 390 14.78 30.42 -1.35
N ASN A 391 14.53 31.16 -2.45
CA ASN A 391 15.58 31.53 -3.39
C ASN A 391 15.11 32.72 -4.26
N PRO A 392 15.05 33.94 -3.68
CA PRO A 392 14.57 35.10 -4.44
C PRO A 392 15.24 35.34 -5.82
N PRO A 393 16.56 35.14 -6.01
CA PRO A 393 17.14 35.33 -7.35
C PRO A 393 16.55 34.49 -8.49
N LEU A 394 15.79 33.41 -8.20
CA LEU A 394 15.14 32.61 -9.26
C LEU A 394 13.99 33.40 -9.93
N ALA A 395 13.51 34.54 -9.35
CA ALA A 395 12.47 35.36 -10.01
C ALA A 395 12.88 35.78 -11.43
N THR A 396 14.19 35.80 -11.72
CA THR A 396 14.73 36.19 -13.04
C THR A 396 14.39 35.13 -14.08
N ILE A 397 14.43 33.84 -13.70
CA ILE A 397 14.06 32.77 -14.61
C ILE A 397 12.52 32.62 -14.58
N LEU A 398 11.95 32.55 -13.37
CA LEU A 398 10.53 32.24 -13.17
C LEU A 398 9.55 33.25 -13.74
N ILE A 399 9.86 34.55 -13.68
CA ILE A 399 8.96 35.57 -14.20
C ILE A 399 9.54 36.02 -15.56
N PRO A 400 8.97 35.57 -16.71
CA PRO A 400 9.54 35.96 -18.01
C PRO A 400 9.20 37.41 -18.43
N PRO A 401 9.94 37.99 -19.40
CA PRO A 401 9.68 39.40 -19.79
C PRO A 401 8.22 39.78 -20.08
N HIS A 402 7.47 38.92 -20.77
CA HIS A 402 6.07 39.19 -21.12
C HIS A 402 5.06 39.04 -19.97
N ALA A 403 5.44 38.47 -18.81
CA ALA A 403 4.49 38.24 -17.73
C ALA A 403 3.86 39.49 -17.12
N ARG A 404 2.53 39.56 -17.12
CA ARG A 404 1.77 40.68 -16.55
C ARG A 404 1.12 40.24 -15.23
N LYS B 57 7.16 -26.57 -27.99
CA LYS B 57 8.55 -26.41 -27.57
C LYS B 57 8.79 -27.12 -26.22
N VAL B 58 9.56 -28.22 -26.20
CA VAL B 58 9.85 -28.90 -24.93
C VAL B 58 11.23 -28.46 -24.45
N THR B 59 11.33 -28.12 -23.15
CA THR B 59 12.59 -27.73 -22.51
C THR B 59 13.00 -28.91 -21.64
N THR B 60 14.25 -29.37 -21.72
CA THR B 60 14.77 -30.43 -20.87
C THR B 60 15.87 -29.84 -20.02
N VAL B 61 15.76 -30.04 -18.69
CA VAL B 61 16.73 -29.54 -17.72
C VAL B 61 17.08 -30.69 -16.76
N VAL B 62 18.20 -30.60 -16.04
CA VAL B 62 18.55 -31.60 -15.03
C VAL B 62 18.32 -30.85 -13.72
N ALA B 63 17.19 -31.15 -13.05
CA ALA B 63 16.75 -30.46 -11.85
C ALA B 63 16.90 -31.26 -10.58
N THR B 64 17.14 -30.56 -9.48
CA THR B 64 17.31 -31.17 -8.18
C THR B 64 15.98 -31.27 -7.46
N PRO B 65 15.55 -32.45 -6.96
CA PRO B 65 14.28 -32.50 -6.20
C PRO B 65 14.35 -31.62 -4.95
N GLY B 66 13.22 -31.02 -4.63
CA GLY B 66 13.11 -30.10 -3.51
C GLY B 66 13.39 -30.72 -2.17
N GLN B 67 12.90 -31.95 -1.95
CA GLN B 67 13.08 -32.68 -0.70
C GLN B 67 13.91 -33.94 -0.92
N GLY B 68 14.59 -34.39 0.13
CA GLY B 68 15.40 -35.59 0.05
C GLY B 68 16.84 -35.29 -0.29
N PRO B 69 17.64 -36.36 -0.52
CA PRO B 69 19.06 -36.13 -0.86
C PRO B 69 19.24 -35.49 -2.23
N ASP B 70 20.31 -34.73 -2.40
CA ASP B 70 20.58 -34.02 -3.66
C ASP B 70 20.90 -35.04 -4.79
N ARG B 71 19.84 -35.47 -5.51
CA ARG B 71 19.92 -36.49 -6.56
C ARG B 71 19.16 -35.98 -7.81
N PRO B 72 19.81 -35.17 -8.67
CA PRO B 72 19.12 -34.57 -9.83
C PRO B 72 18.54 -35.51 -10.88
N GLN B 73 17.46 -35.07 -11.55
CA GLN B 73 16.75 -35.82 -12.57
C GLN B 73 16.58 -35.00 -13.84
N GLU B 74 16.48 -35.66 -14.99
CA GLU B 74 16.18 -34.98 -16.24
C GLU B 74 14.66 -34.73 -16.17
N VAL B 75 14.26 -33.48 -16.33
CA VAL B 75 12.87 -33.08 -16.29
C VAL B 75 12.59 -32.34 -17.59
N SER B 76 11.57 -32.78 -18.31
CA SER B 76 11.12 -32.15 -19.54
C SER B 76 9.75 -31.54 -19.29
N TYR B 77 9.54 -30.31 -19.79
CA TYR B 77 8.27 -29.61 -19.64
C TYR B 77 7.93 -28.84 -20.92
N THR B 78 6.64 -28.53 -21.11
CA THR B 78 6.14 -27.86 -22.29
C THR B 78 4.97 -26.91 -21.92
N ASP B 79 4.35 -26.23 -22.92
CA ASP B 79 3.24 -25.30 -22.72
C ASP B 79 3.63 -24.20 -21.73
N THR B 80 4.87 -23.70 -21.84
CA THR B 80 5.35 -22.68 -20.93
C THR B 80 4.72 -21.34 -21.26
N LYS B 81 4.08 -20.69 -20.27
CA LYS B 81 3.44 -19.39 -20.46
C LYS B 81 3.63 -18.55 -19.19
N VAL B 82 3.76 -17.23 -19.34
CA VAL B 82 3.93 -16.34 -18.19
C VAL B 82 2.60 -16.24 -17.43
N ILE B 83 2.62 -16.39 -16.10
CA ILE B 83 1.41 -16.23 -15.28
C ILE B 83 1.56 -15.12 -14.21
N GLY B 84 2.73 -14.51 -14.09
CA GLY B 84 2.95 -13.44 -13.12
C GLY B 84 4.28 -12.76 -13.31
N ASN B 85 4.32 -11.45 -13.04
CA ASN B 85 5.52 -10.62 -13.12
C ASN B 85 5.55 -9.78 -11.83
N GLY B 86 6.67 -9.78 -11.13
CA GLY B 86 6.82 -9.03 -9.90
C GLY B 86 8.22 -8.47 -9.74
N SER B 87 8.47 -7.83 -8.59
CA SER B 87 9.78 -7.24 -8.30
C SER B 87 10.92 -8.30 -8.34
N PHE B 88 10.63 -9.54 -7.89
CA PHE B 88 11.55 -10.68 -7.86
C PHE B 88 11.96 -11.21 -9.25
N GLY B 89 11.05 -11.13 -10.22
CA GLY B 89 11.25 -11.70 -11.54
C GLY B 89 9.93 -12.16 -12.14
N VAL B 90 9.90 -13.37 -12.73
CA VAL B 90 8.73 -13.90 -13.44
C VAL B 90 8.29 -15.27 -12.89
N VAL B 91 6.99 -15.60 -13.00
CA VAL B 91 6.45 -16.90 -12.64
C VAL B 91 5.78 -17.45 -13.91
N TYR B 92 6.19 -18.65 -14.34
CA TYR B 92 5.62 -19.31 -15.52
C TYR B 92 4.76 -20.50 -15.08
N GLN B 93 3.91 -20.98 -15.98
CA GLN B 93 3.19 -22.22 -15.81
C GLN B 93 3.73 -23.13 -16.91
N ALA B 94 3.86 -24.41 -16.61
CA ALA B 94 4.33 -25.40 -17.58
C ALA B 94 3.71 -26.77 -17.22
N LYS B 95 3.75 -27.70 -18.16
CA LYS B 95 3.21 -29.04 -18.00
C LYS B 95 4.39 -30.00 -18.11
N LEU B 96 4.56 -30.89 -17.12
CA LEU B 96 5.64 -31.88 -17.15
C LEU B 96 5.30 -32.92 -18.20
N CYS B 97 6.23 -33.26 -19.09
CA CYS B 97 5.97 -34.20 -20.18
C CYS B 97 5.66 -35.62 -19.71
N ASP B 98 6.38 -36.12 -18.71
CA ASP B 98 6.19 -37.49 -18.24
C ASP B 98 4.82 -37.77 -17.63
N SER B 99 4.31 -36.87 -16.79
CA SER B 99 3.06 -37.08 -16.07
C SER B 99 1.89 -36.19 -16.47
N GLY B 100 2.15 -35.11 -17.21
CA GLY B 100 1.11 -34.15 -17.54
C GLY B 100 0.75 -33.22 -16.38
N GLU B 101 1.45 -33.34 -15.23
CA GLU B 101 1.18 -32.49 -14.08
C GLU B 101 1.61 -31.06 -14.34
N LEU B 102 0.80 -30.10 -13.88
CA LEU B 102 1.10 -28.69 -14.06
C LEU B 102 2.01 -28.21 -12.93
N VAL B 103 2.91 -27.29 -13.27
CA VAL B 103 3.82 -26.69 -12.31
C VAL B 103 3.88 -25.17 -12.53
N ALA B 104 4.31 -24.45 -11.49
CA ALA B 104 4.60 -23.04 -11.56
C ALA B 104 6.14 -22.96 -11.44
N ILE B 105 6.79 -22.15 -12.27
CA ILE B 105 8.24 -21.99 -12.22
C ILE B 105 8.52 -20.55 -11.86
N LYS B 106 9.01 -20.30 -10.63
CA LYS B 106 9.34 -18.97 -10.18
C LYS B 106 10.81 -18.75 -10.50
N LYS B 107 11.11 -17.81 -11.43
CA LYS B 107 12.46 -17.51 -11.90
C LYS B 107 12.94 -16.21 -11.26
N VAL B 108 14.05 -16.27 -10.52
CA VAL B 108 14.64 -15.14 -9.81
C VAL B 108 16.11 -15.04 -10.15
N LEU B 109 16.65 -13.82 -10.17
CA LEU B 109 18.07 -13.62 -10.44
C LEU B 109 18.85 -14.10 -9.21
N GLN B 110 19.89 -14.93 -9.40
CA GLN B 110 20.68 -15.47 -8.30
C GLN B 110 21.72 -14.43 -7.86
N ASP B 111 21.71 -14.05 -6.57
CA ASP B 111 22.71 -13.16 -6.02
C ASP B 111 24.03 -13.94 -5.99
N LYS B 112 25.07 -13.40 -6.62
CA LYS B 112 26.39 -14.04 -6.67
C LYS B 112 27.05 -14.19 -5.28
N ARG B 113 26.70 -13.30 -4.33
CA ARG B 113 27.31 -13.26 -3.00
C ARG B 113 26.77 -14.25 -1.99
N PHE B 114 25.51 -14.74 -2.12
CA PHE B 114 24.97 -15.66 -1.12
C PHE B 114 23.93 -16.65 -1.69
N LYS B 115 23.69 -17.74 -0.93
CA LYS B 115 22.68 -18.74 -1.27
C LYS B 115 21.30 -18.09 -1.16
N ASN B 116 20.35 -18.49 -2.02
CA ASN B 116 19.03 -17.88 -2.01
C ASN B 116 18.26 -18.31 -0.75
N ARG B 117 17.84 -17.34 0.08
CA ARG B 117 17.13 -17.60 1.33
C ARG B 117 15.79 -18.31 1.09
N GLU B 118 15.03 -17.90 0.08
CA GLU B 118 13.74 -18.56 -0.23
C GLU B 118 13.96 -20.04 -0.53
N LEU B 119 15.00 -20.39 -1.33
CA LEU B 119 15.32 -21.79 -1.64
C LEU B 119 15.68 -22.56 -0.36
N GLN B 120 16.54 -21.99 0.48
CA GLN B 120 16.97 -22.66 1.72
C GLN B 120 15.77 -22.95 2.62
N ILE B 121 14.85 -21.98 2.76
CA ILE B 121 13.63 -22.16 3.56
C ILE B 121 12.75 -23.24 2.91
N MET B 122 12.49 -23.15 1.59
CA MET B 122 11.64 -24.13 0.87
C MET B 122 12.14 -25.56 0.95
N ARG B 123 13.48 -25.77 0.96
CA ARG B 123 14.04 -27.11 1.04
C ARG B 123 13.81 -27.77 2.42
N LYS B 124 13.58 -26.99 3.48
CA LYS B 124 13.31 -27.52 4.82
C LYS B 124 11.82 -27.79 5.06
N LEU B 125 10.91 -27.21 4.27
CA LEU B 125 9.47 -27.36 4.52
C LEU B 125 8.84 -28.56 3.82
N ASP B 126 8.07 -29.35 4.58
CA ASP B 126 7.35 -30.49 4.02
C ASP B 126 6.04 -30.58 4.79
N HIS B 127 4.98 -29.96 4.27
CA HIS B 127 3.70 -29.88 4.96
C HIS B 127 2.55 -29.81 3.92
N CYS B 128 1.42 -30.46 4.23
CA CYS B 128 0.26 -30.52 3.35
C CYS B 128 -0.36 -29.13 3.06
N ASN B 129 -0.09 -28.11 3.91
CA ASN B 129 -0.61 -26.75 3.72
C ASN B 129 0.46 -25.74 3.33
N ILE B 130 1.56 -26.22 2.72
CA ILE B 130 2.61 -25.37 2.18
C ILE B 130 2.85 -25.83 0.74
N VAL B 131 3.00 -24.87 -0.19
CA VAL B 131 3.22 -25.13 -1.63
C VAL B 131 4.43 -26.07 -1.79
N ARG B 132 4.31 -27.15 -2.59
CA ARG B 132 5.42 -28.10 -2.71
C ARG B 132 6.50 -27.68 -3.69
N LEU B 133 7.74 -27.58 -3.21
CA LEU B 133 8.89 -27.34 -4.06
C LEU B 133 9.21 -28.72 -4.65
N ARG B 134 8.80 -28.94 -5.87
CA ARG B 134 9.05 -30.20 -6.55
C ARG B 134 10.52 -30.31 -7.00
N TYR B 135 11.03 -29.30 -7.70
CA TYR B 135 12.43 -29.27 -8.15
C TYR B 135 12.92 -27.83 -8.12
N PHE B 136 14.24 -27.66 -8.25
CA PHE B 136 14.88 -26.38 -8.48
C PHE B 136 16.05 -26.62 -9.46
N PHE B 137 16.44 -25.57 -10.17
CA PHE B 137 17.60 -25.65 -11.07
C PHE B 137 18.08 -24.25 -11.40
N TYR B 138 19.30 -24.16 -11.88
CA TYR B 138 19.90 -22.91 -12.31
C TYR B 138 19.87 -22.84 -13.83
N SER B 139 19.79 -21.61 -14.36
CA SER B 139 19.75 -21.40 -15.80
C SER B 139 20.28 -19.99 -16.18
N SER B 140 20.39 -19.73 -17.50
CA SER B 140 20.82 -18.43 -18.02
C SER B 140 19.67 -17.44 -17.93
N LYS B 144 22.19 -11.58 -19.86
CA LYS B 144 23.38 -12.29 -20.31
C LYS B 144 24.50 -12.17 -19.26
N ASP B 145 25.26 -13.26 -19.06
CA ASP B 145 26.37 -13.36 -18.10
C ASP B 145 25.93 -13.30 -16.62
N GLU B 146 24.71 -13.79 -16.31
CA GLU B 146 24.17 -13.83 -14.95
C GLU B 146 23.28 -15.08 -14.77
N VAL B 147 23.32 -15.68 -13.56
CA VAL B 147 22.59 -16.93 -13.23
C VAL B 147 21.20 -16.67 -12.66
N TYR B 148 20.24 -17.54 -13.00
CA TYR B 148 18.86 -17.49 -12.50
C TYR B 148 18.56 -18.77 -11.72
N LEU B 149 17.75 -18.66 -10.67
CA LEU B 149 17.28 -19.78 -9.86
C LEU B 149 15.82 -19.99 -10.25
N ASN B 150 15.48 -21.23 -10.61
CA ASN B 150 14.13 -21.59 -11.03
C ASN B 150 13.53 -22.52 -9.99
N LEU B 151 12.47 -22.09 -9.28
CA LEU B 151 11.82 -22.93 -8.29
C LEU B 151 10.62 -23.54 -8.97
N VAL B 152 10.56 -24.87 -9.07
CA VAL B 152 9.49 -25.61 -9.73
C VAL B 152 8.55 -26.11 -8.63
N LEU B 153 7.35 -25.52 -8.58
CA LEU B 153 6.36 -25.78 -7.56
C LEU B 153 5.15 -26.48 -8.17
N ASP B 154 4.46 -27.35 -7.40
CA ASP B 154 3.23 -27.97 -7.91
C ASP B 154 2.18 -26.86 -8.12
N TYR B 155 1.58 -26.80 -9.31
CA TYR B 155 0.61 -25.75 -9.62
C TYR B 155 -0.70 -26.02 -8.89
N VAL B 156 -1.26 -24.97 -8.25
CA VAL B 156 -2.55 -25.03 -7.56
C VAL B 156 -3.43 -24.04 -8.35
N PRO B 157 -4.64 -24.41 -8.80
CA PRO B 157 -5.37 -23.53 -9.74
C PRO B 157 -5.99 -22.23 -9.23
N GLU B 158 -6.30 -22.11 -7.95
CA GLU B 158 -6.97 -20.91 -7.41
C GLU B 158 -6.22 -20.31 -6.22
N THR B 159 -6.70 -19.15 -5.77
CA THR B 159 -6.21 -18.45 -4.59
C THR B 159 -7.42 -17.94 -3.82
N VAL B 160 -7.22 -17.65 -2.51
CA VAL B 160 -8.28 -17.07 -1.69
C VAL B 160 -8.66 -15.69 -2.27
N TYR B 161 -7.70 -14.92 -2.80
CA TYR B 161 -7.97 -13.63 -3.42
C TYR B 161 -8.98 -13.76 -4.58
N ARG B 162 -8.72 -14.67 -5.53
CA ARG B 162 -9.62 -14.87 -6.67
C ARG B 162 -11.00 -15.38 -6.25
N VAL B 163 -11.04 -16.39 -5.35
CA VAL B 163 -12.31 -16.96 -4.89
C VAL B 163 -13.12 -15.92 -4.11
N ALA B 164 -12.47 -15.15 -3.22
CA ALA B 164 -13.16 -14.10 -2.46
C ALA B 164 -13.72 -13.04 -3.40
N ARG B 165 -12.97 -12.65 -4.47
CA ARG B 165 -13.40 -11.66 -5.44
C ARG B 165 -14.64 -12.15 -6.21
N HIS B 166 -14.73 -13.46 -6.51
CA HIS B 166 -15.90 -14.02 -7.18
C HIS B 166 -17.14 -13.83 -6.31
N TYR B 167 -17.05 -14.16 -5.00
CA TYR B 167 -18.19 -13.99 -4.11
C TYR B 167 -18.53 -12.51 -3.97
N SER B 168 -17.52 -11.67 -3.72
CA SER B 168 -17.71 -10.22 -3.62
C SER B 168 -18.45 -9.62 -4.86
N ARG B 169 -18.03 -9.98 -6.09
CA ARG B 169 -18.66 -9.49 -7.31
C ARG B 169 -20.08 -10.03 -7.49
N ALA B 170 -20.36 -11.25 -7.03
CA ALA B 170 -21.71 -11.83 -7.09
C ALA B 170 -22.59 -11.39 -5.90
N LYS B 171 -22.15 -10.41 -5.08
CA LYS B 171 -22.89 -9.93 -3.91
C LYS B 171 -23.26 -11.07 -2.94
N GLN B 172 -22.36 -12.05 -2.80
CA GLN B 172 -22.54 -13.18 -1.89
C GLN B 172 -21.30 -13.28 -0.98
N THR B 173 -21.43 -13.94 0.17
CA THR B 173 -20.27 -14.18 1.03
C THR B 173 -19.86 -15.62 0.86
N LEU B 174 -18.57 -15.87 1.06
CA LEU B 174 -18.03 -17.22 0.98
C LEU B 174 -18.66 -18.04 2.12
N PRO B 175 -19.31 -19.20 1.85
CA PRO B 175 -19.90 -19.98 2.94
C PRO B 175 -18.94 -20.21 4.12
N VAL B 176 -19.48 -20.10 5.34
CA VAL B 176 -18.70 -20.25 6.59
C VAL B 176 -17.93 -21.57 6.64
N ILE B 177 -18.43 -22.66 6.01
CA ILE B 177 -17.70 -23.94 6.01
C ILE B 177 -16.32 -23.77 5.33
N TYR B 178 -16.24 -22.97 4.26
CA TYR B 178 -14.96 -22.71 3.59
C TYR B 178 -14.12 -21.74 4.41
N VAL B 179 -14.74 -20.78 5.11
CA VAL B 179 -14.01 -19.86 5.98
C VAL B 179 -13.28 -20.68 7.07
N LYS B 180 -14.00 -21.65 7.68
CA LYS B 180 -13.41 -22.53 8.69
C LYS B 180 -12.27 -23.36 8.06
N LEU B 181 -12.55 -24.07 6.96
CA LEU B 181 -11.54 -24.91 6.32
C LEU B 181 -10.29 -24.16 5.90
N TYR B 182 -10.42 -23.00 5.26
CA TYR B 182 -9.27 -22.25 4.77
C TYR B 182 -8.46 -21.63 5.91
N MET B 183 -9.14 -20.99 6.87
CA MET B 183 -8.45 -20.36 7.99
C MET B 183 -7.74 -21.38 8.86
N TYR B 184 -8.35 -22.55 9.07
CA TYR B 184 -7.73 -23.60 9.87
C TYR B 184 -6.43 -24.08 9.22
N GLN B 185 -6.48 -24.35 7.90
CA GLN B 185 -5.29 -24.80 7.17
C GLN B 185 -4.22 -23.72 7.12
N LEU B 186 -4.61 -22.44 7.07
CA LEU B 186 -3.63 -21.34 7.12
C LEU B 186 -2.95 -21.34 8.50
N PHE B 187 -3.73 -21.46 9.59
CA PHE B 187 -3.16 -21.52 10.94
C PHE B 187 -2.24 -22.72 11.14
N ARG B 188 -2.52 -23.87 10.48
CA ARG B 188 -1.64 -25.05 10.56
C ARG B 188 -0.32 -24.78 9.85
N SER B 189 -0.36 -24.23 8.62
CA SER B 189 0.87 -23.87 7.89
C SER B 189 1.72 -22.86 8.73
N LEU B 190 1.04 -21.92 9.40
CA LEU B 190 1.70 -20.94 10.28
C LEU B 190 2.30 -21.62 11.52
N ALA B 191 1.58 -22.58 12.17
CA ALA B 191 2.14 -23.30 13.31
C ALA B 191 3.41 -24.06 12.89
N TYR B 192 3.36 -24.68 11.70
CA TYR B 192 4.48 -25.45 11.19
C TYR B 192 5.72 -24.57 10.92
N ILE B 193 5.58 -23.49 10.12
CA ILE B 193 6.72 -22.61 9.84
C ILE B 193 7.20 -21.89 11.11
N HIS B 194 6.28 -21.45 11.98
CA HIS B 194 6.69 -20.76 13.21
C HIS B 194 7.47 -21.69 14.15
N SER B 195 7.22 -23.02 14.10
CA SER B 195 7.94 -24.01 14.92
C SER B 195 9.45 -24.04 14.59
N PHE B 196 9.86 -23.61 13.39
CA PHE B 196 11.27 -23.47 13.01
C PHE B 196 11.80 -22.03 13.27
N GLY B 197 10.99 -21.15 13.85
CA GLY B 197 11.34 -19.74 14.01
C GLY B 197 11.12 -18.93 12.74
N ILE B 198 10.53 -19.54 11.67
CA ILE B 198 10.32 -18.89 10.39
C ILE B 198 9.00 -18.11 10.34
N CYS B 199 9.09 -16.81 10.03
CA CYS B 199 7.95 -15.91 9.85
C CYS B 199 7.78 -15.68 8.36
N HIS B 200 6.56 -15.83 7.82
CA HIS B 200 6.29 -15.63 6.39
C HIS B 200 6.47 -14.14 5.98
N ARG B 201 5.91 -13.22 6.79
CA ARG B 201 6.02 -11.76 6.62
C ARG B 201 5.26 -11.18 5.45
N ASP B 202 4.42 -11.98 4.76
CA ASP B 202 3.59 -11.43 3.69
C ASP B 202 2.31 -12.25 3.54
N ILE B 203 1.64 -12.54 4.67
CA ILE B 203 0.40 -13.29 4.63
C ILE B 203 -0.70 -12.40 4.06
N LYS B 204 -1.32 -12.87 2.97
CA LYS B 204 -2.40 -12.13 2.31
C LYS B 204 -3.17 -13.09 1.39
N PRO B 205 -4.42 -12.78 1.02
CA PRO B 205 -5.21 -13.69 0.17
C PRO B 205 -4.52 -14.23 -1.08
N GLN B 206 -3.72 -13.41 -1.78
CA GLN B 206 -3.01 -13.82 -2.98
C GLN B 206 -2.01 -14.94 -2.73
N ASN B 207 -1.47 -15.03 -1.50
CA ASN B 207 -0.49 -16.09 -1.14
C ASN B 207 -1.12 -17.32 -0.53
N LEU B 208 -2.46 -17.46 -0.62
CA LEU B 208 -3.14 -18.62 -0.09
C LEU B 208 -3.75 -19.34 -1.29
N LEU B 209 -3.01 -20.33 -1.78
CA LEU B 209 -3.43 -21.14 -2.92
C LEU B 209 -4.56 -22.10 -2.50
N LEU B 210 -5.50 -22.37 -3.40
CA LEU B 210 -6.64 -23.23 -3.15
C LEU B 210 -6.87 -24.22 -4.26
N ASP B 211 -7.23 -25.44 -3.89
CA ASP B 211 -7.74 -26.42 -4.83
C ASP B 211 -9.26 -26.37 -4.51
N PRO B 212 -10.10 -25.78 -5.37
CA PRO B 212 -11.53 -25.68 -5.03
C PRO B 212 -12.27 -27.02 -4.89
N ASP B 213 -11.82 -28.10 -5.58
CA ASP B 213 -12.48 -29.41 -5.48
C ASP B 213 -12.20 -30.13 -4.15
N THR B 214 -10.95 -30.16 -3.69
CA THR B 214 -10.60 -30.81 -2.42
C THR B 214 -10.66 -29.87 -1.21
N ALA B 215 -10.76 -28.54 -1.42
CA ALA B 215 -10.74 -27.50 -0.39
C ALA B 215 -9.40 -27.45 0.35
N VAL B 216 -8.31 -27.92 -0.29
CA VAL B 216 -6.97 -27.87 0.29
C VAL B 216 -6.43 -26.45 0.05
N LEU B 217 -5.81 -25.87 1.07
CA LEU B 217 -5.18 -24.57 1.01
C LEU B 217 -3.67 -24.79 1.18
N LYS B 218 -2.86 -24.05 0.41
CA LYS B 218 -1.41 -24.09 0.54
C LYS B 218 -0.83 -22.67 0.55
N LEU B 219 -0.03 -22.40 1.57
CA LEU B 219 0.64 -21.13 1.70
C LEU B 219 1.76 -21.08 0.66
N CYS B 220 1.89 -19.95 -0.05
CA CYS B 220 2.93 -19.80 -1.06
C CYS B 220 3.67 -18.46 -0.91
N ASP B 221 4.66 -18.24 -1.80
CA ASP B 221 5.54 -17.07 -1.85
C ASP B 221 6.33 -16.90 -0.57
N PHE B 222 7.46 -17.60 -0.51
CA PHE B 222 8.36 -17.46 0.64
C PHE B 222 9.51 -16.48 0.34
N GLY B 223 9.26 -15.51 -0.57
CA GLY B 223 10.23 -14.49 -0.95
C GLY B 223 10.57 -13.51 0.17
N SER B 224 9.64 -13.28 1.11
CA SER B 224 9.86 -12.40 2.27
C SER B 224 10.14 -13.18 3.57
N ALA B 225 9.91 -14.51 3.59
CA ALA B 225 10.05 -15.30 4.79
C ALA B 225 11.46 -15.24 5.37
N LYS B 226 11.56 -15.34 6.70
CA LYS B 226 12.83 -15.25 7.40
C LYS B 226 12.75 -15.83 8.79
N GLN B 227 13.85 -16.44 9.29
CA GLN B 227 13.91 -16.87 10.67
C GLN B 227 14.13 -15.67 11.57
N LEU B 228 13.21 -15.41 12.51
CA LEU B 228 13.30 -14.29 13.43
C LEU B 228 14.00 -14.75 14.71
N VAL B 229 15.15 -14.18 15.03
CA VAL B 229 15.92 -14.53 16.22
C VAL B 229 15.81 -13.39 17.21
N ARG B 230 15.42 -13.68 18.47
CA ARG B 230 15.25 -12.64 19.51
C ARG B 230 16.55 -11.84 19.69
N GLY B 231 16.45 -10.52 19.71
CA GLY B 231 17.59 -9.63 19.82
C GLY B 231 18.09 -9.13 18.48
N GLU B 232 17.83 -9.86 17.38
CA GLU B 232 18.28 -9.45 16.04
C GLU B 232 17.23 -8.51 15.41
N PRO B 233 17.64 -7.32 14.88
CA PRO B 233 16.64 -6.45 14.24
C PRO B 233 16.25 -6.96 12.85
N ASN B 234 15.02 -6.66 12.43
CA ASN B 234 14.50 -7.06 11.13
C ASN B 234 13.84 -5.88 10.44
N VAL B 235 13.85 -5.85 9.11
CA VAL B 235 13.29 -4.72 8.36
C VAL B 235 11.79 -4.58 8.65
N SER B 236 11.32 -3.36 8.95
CA SER B 236 9.89 -3.15 9.23
C SER B 236 9.05 -3.04 7.96
N TYR B 237 9.66 -2.79 6.80
CA TYR B 237 8.97 -2.52 5.54
C TYR B 237 8.51 -3.78 4.76
N ILE B 238 8.26 -4.88 5.47
CA ILE B 238 7.73 -6.11 4.87
C ILE B 238 6.19 -6.08 5.04
N CYS B 239 5.48 -7.02 4.40
CA CYS B 239 4.04 -7.15 4.54
C CYS B 239 3.27 -6.14 3.70
N SER B 240 2.15 -6.57 3.09
CA SER B 240 1.41 -5.78 2.11
C SER B 240 0.25 -4.99 2.68
N ARG B 241 -0.14 -3.88 2.02
CA ARG B 241 -1.23 -3.02 2.49
C ARG B 241 -2.50 -3.79 2.78
N TYR B 242 -3.17 -3.44 3.90
CA TYR B 242 -4.39 -4.06 4.47
C TYR B 242 -4.05 -5.10 5.51
N TYR B 243 -2.89 -5.80 5.37
CA TYR B 243 -2.53 -6.95 6.23
C TYR B 243 -1.37 -6.68 7.18
N ARG B 244 -0.90 -5.44 7.29
CA ARG B 244 0.25 -5.13 8.14
C ARG B 244 -0.15 -4.94 9.60
N ALA B 245 0.56 -5.60 10.52
CA ALA B 245 0.32 -5.47 11.95
C ALA B 245 0.66 -4.03 12.36
N PRO B 246 -0.04 -3.47 13.38
CA PRO B 246 0.24 -2.07 13.75
C PRO B 246 1.70 -1.80 14.15
N GLU B 247 2.39 -2.78 14.74
CA GLU B 247 3.82 -2.60 15.08
C GLU B 247 4.66 -2.39 13.81
N LEU B 248 4.27 -2.99 12.66
CA LEU B 248 4.97 -2.75 11.40
C LEU B 248 4.64 -1.35 10.83
N ILE B 249 3.39 -0.88 11.02
CA ILE B 249 2.99 0.44 10.57
C ILE B 249 3.81 1.50 11.37
N PHE B 250 4.01 1.25 12.68
CA PHE B 250 4.84 2.11 13.53
C PHE B 250 6.35 1.95 13.27
N GLY B 251 6.77 1.09 12.35
CA GLY B 251 8.18 0.93 12.01
C GLY B 251 9.01 0.14 13.01
N ALA B 252 8.40 -0.81 13.75
CA ALA B 252 9.15 -1.62 14.69
C ALA B 252 10.06 -2.59 13.94
N THR B 253 11.28 -2.76 14.45
CA THR B 253 12.27 -3.71 13.92
C THR B 253 12.46 -4.92 14.88
N ASP B 254 11.79 -4.94 16.05
CA ASP B 254 11.87 -6.02 17.03
C ASP B 254 10.60 -6.88 17.05
N TYR B 255 9.82 -6.90 15.94
CA TYR B 255 8.61 -7.69 15.88
C TYR B 255 8.89 -9.19 15.91
N THR B 256 7.85 -9.98 16.19
CA THR B 256 7.92 -11.44 16.28
C THR B 256 7.05 -12.07 15.14
N SER B 257 6.93 -13.40 15.13
CA SER B 257 6.09 -14.12 14.19
C SER B 257 4.59 -13.80 14.39
N SER B 258 4.19 -13.13 15.51
CA SER B 258 2.80 -12.76 15.71
C SER B 258 2.30 -11.74 14.67
N ILE B 259 3.19 -11.14 13.83
CA ILE B 259 2.75 -10.28 12.73
C ILE B 259 1.94 -11.14 11.70
N ASP B 260 2.31 -12.42 11.51
CA ASP B 260 1.61 -13.36 10.62
C ASP B 260 0.20 -13.67 11.15
N VAL B 261 0.03 -13.70 12.47
CA VAL B 261 -1.26 -13.95 13.10
C VAL B 261 -2.19 -12.75 12.92
N TRP B 262 -1.66 -11.52 13.02
CA TRP B 262 -2.44 -10.31 12.76
C TRP B 262 -2.93 -10.35 11.30
N SER B 263 -2.01 -10.65 10.37
CA SER B 263 -2.33 -10.75 8.94
C SER B 263 -3.39 -11.80 8.69
N ALA B 264 -3.29 -12.97 9.36
CA ALA B 264 -4.29 -14.04 9.22
C ALA B 264 -5.67 -13.56 9.75
N GLY B 265 -5.67 -12.81 10.86
CA GLY B 265 -6.90 -12.20 11.38
C GLY B 265 -7.55 -11.26 10.39
N CYS B 266 -6.74 -10.46 9.63
CA CYS B 266 -7.25 -9.56 8.59
C CYS B 266 -7.89 -10.38 7.47
N VAL B 267 -7.30 -11.54 7.11
CA VAL B 267 -7.88 -12.42 6.08
C VAL B 267 -9.21 -12.99 6.56
N LEU B 268 -9.28 -13.45 7.82
CA LEU B 268 -10.53 -13.98 8.37
C LEU B 268 -11.63 -12.90 8.37
N ALA B 269 -11.32 -11.69 8.86
CA ALA B 269 -12.32 -10.60 8.90
C ALA B 269 -12.79 -10.26 7.49
N GLU B 270 -11.87 -10.26 6.51
CA GLU B 270 -12.19 -9.96 5.12
C GLU B 270 -13.11 -11.02 4.50
N LEU B 271 -12.89 -12.32 4.80
CA LEU B 271 -13.76 -13.37 4.27
C LEU B 271 -15.18 -13.25 4.85
N LEU B 272 -15.31 -12.80 6.11
CA LEU B 272 -16.60 -12.59 6.77
C LEU B 272 -17.30 -11.35 6.25
N LEU B 273 -16.57 -10.24 6.09
CA LEU B 273 -17.15 -8.97 5.63
C LEU B 273 -17.39 -8.88 4.13
N GLY B 274 -16.60 -9.59 3.32
CA GLY B 274 -16.69 -9.45 1.87
C GLY B 274 -15.87 -8.27 1.35
N GLN B 275 -15.05 -7.64 2.23
CA GLN B 275 -14.14 -6.54 1.91
C GLN B 275 -13.06 -6.43 3.01
N PRO B 276 -11.90 -5.78 2.73
CA PRO B 276 -10.87 -5.68 3.80
C PRO B 276 -11.37 -4.92 5.04
N ILE B 277 -10.97 -5.37 6.23
CA ILE B 277 -11.38 -4.71 7.48
C ILE B 277 -10.61 -3.41 7.74
N PHE B 278 -9.32 -3.34 7.37
CA PHE B 278 -8.52 -2.12 7.62
C PHE B 278 -7.92 -1.57 6.32
N PRO B 279 -8.77 -1.06 5.41
CA PRO B 279 -8.26 -0.52 4.14
C PRO B 279 -7.53 0.81 4.31
N GLY B 280 -6.90 1.27 3.24
CA GLY B 280 -6.17 2.52 3.19
C GLY B 280 -4.89 2.35 2.39
N ASP B 281 -4.54 3.37 1.57
CA ASP B 281 -3.31 3.31 0.78
C ASP B 281 -2.09 3.85 1.56
N SER B 282 -2.30 4.40 2.76
CA SER B 282 -1.25 4.90 3.63
C SER B 282 -1.44 4.29 5.02
N GLY B 283 -0.35 4.23 5.78
CA GLY B 283 -0.41 3.75 7.14
C GLY B 283 -1.31 4.58 8.04
N VAL B 284 -1.41 5.91 7.83
CA VAL B 284 -2.31 6.75 8.65
CA VAL B 284 -2.30 6.76 8.65
C VAL B 284 -3.75 6.29 8.48
N ASP B 285 -4.20 6.09 7.22
CA ASP B 285 -5.56 5.65 6.94
C ASP B 285 -5.84 4.27 7.53
N GLN B 286 -4.87 3.36 7.37
CA GLN B 286 -4.96 2.00 7.89
C GLN B 286 -5.08 2.05 9.43
N LEU B 287 -4.26 2.90 10.10
CA LEU B 287 -4.33 3.02 11.55
C LEU B 287 -5.63 3.66 12.01
N VAL B 288 -6.18 4.64 11.27
CA VAL B 288 -7.48 5.22 11.63
C VAL B 288 -8.57 4.12 11.56
N GLU B 289 -8.48 3.22 10.55
CA GLU B 289 -9.44 2.13 10.43
C GLU B 289 -9.30 1.13 11.58
N ILE B 290 -8.04 0.83 11.98
CA ILE B 290 -7.76 -0.04 13.12
C ILE B 290 -8.35 0.59 14.40
N ILE B 291 -8.09 1.90 14.63
CA ILE B 291 -8.58 2.60 15.81
C ILE B 291 -10.13 2.63 15.83
N LYS B 292 -10.79 2.76 14.67
CA LYS B 292 -12.26 2.74 14.63
C LYS B 292 -12.82 1.41 15.18
N VAL B 293 -12.11 0.28 14.98
CA VAL B 293 -12.56 -1.02 15.46
C VAL B 293 -12.07 -1.33 16.89
N LEU B 294 -10.75 -1.27 17.14
CA LEU B 294 -10.18 -1.60 18.44
C LEU B 294 -10.20 -0.49 19.48
N GLY B 295 -10.52 0.73 19.09
CA GLY B 295 -10.43 1.87 19.99
C GLY B 295 -8.99 2.37 20.03
N THR B 296 -8.76 3.52 20.69
CA THR B 296 -7.42 4.09 20.78
C THR B 296 -6.52 3.17 21.58
N PRO B 297 -5.28 2.86 21.14
CA PRO B 297 -4.41 1.99 21.96
C PRO B 297 -3.91 2.74 23.20
N THR B 298 -3.78 2.03 24.32
CA THR B 298 -3.29 2.64 25.56
C THR B 298 -1.78 2.94 25.44
N ARG B 299 -1.20 3.72 26.38
CA ARG B 299 0.23 4.01 26.37
C ARG B 299 1.04 2.70 26.48
N GLU B 300 0.53 1.72 27.26
CA GLU B 300 1.18 0.43 27.43
C GLU B 300 1.13 -0.35 26.09
N GLN B 301 -0.06 -0.43 25.45
CA GLN B 301 -0.23 -1.11 24.16
C GLN B 301 0.69 -0.48 23.10
N ILE B 302 0.84 0.86 23.11
CA ILE B 302 1.73 1.56 22.20
C ILE B 302 3.18 1.11 22.45
N ARG B 303 3.62 1.07 23.72
CA ARG B 303 4.98 0.64 24.08
C ARG B 303 5.26 -0.81 23.63
N GLU B 304 4.25 -1.69 23.72
CA GLU B 304 4.37 -3.09 23.29
C GLU B 304 4.58 -3.21 21.76
N MET B 305 4.01 -2.27 20.99
CA MET B 305 4.16 -2.25 19.53
C MET B 305 5.46 -1.53 19.15
N ASN B 306 5.63 -0.27 19.58
CA ASN B 306 6.83 0.53 19.35
C ASN B 306 6.88 1.69 20.36
N PHE B 312 2.88 10.59 20.49
CA PHE B 312 2.02 11.22 19.48
C PHE B 312 0.55 11.19 19.92
N LYS B 313 -0.21 12.22 19.51
CA LYS B 313 -1.62 12.37 19.85
C LYS B 313 -2.52 11.62 18.87
N PHE B 314 -3.13 10.52 19.32
CA PHE B 314 -4.04 9.70 18.49
C PHE B 314 -5.49 10.17 18.70
N PRO B 315 -6.39 9.96 17.71
CA PRO B 315 -7.78 10.38 17.92
C PRO B 315 -8.47 9.54 19.01
N GLN B 316 -9.02 10.21 20.04
CA GLN B 316 -9.67 9.53 21.16
C GLN B 316 -11.02 8.93 20.73
N ILE B 317 -10.99 7.67 20.27
CA ILE B 317 -12.17 6.94 19.80
C ILE B 317 -12.41 5.73 20.72
N LYS B 318 -13.68 5.47 21.08
CA LYS B 318 -14.02 4.33 21.93
C LYS B 318 -14.03 3.04 21.09
N ALA B 319 -13.77 1.89 21.72
CA ALA B 319 -13.74 0.61 21.00
C ALA B 319 -15.13 0.25 20.47
N HIS B 320 -15.24 0.04 19.15
CA HIS B 320 -16.51 -0.34 18.54
C HIS B 320 -16.82 -1.81 18.92
N PRO B 321 -18.06 -2.14 19.37
CA PRO B 321 -18.33 -3.55 19.75
C PRO B 321 -18.14 -4.49 18.56
N TRP B 322 -17.26 -5.48 18.72
CA TRP B 322 -16.93 -6.44 17.67
C TRP B 322 -18.14 -7.08 17.00
N THR B 323 -19.24 -7.31 17.75
CA THR B 323 -20.45 -7.89 17.19
C THR B 323 -21.08 -6.97 16.12
N LYS B 324 -20.99 -5.63 16.31
CA LYS B 324 -21.52 -4.66 15.36
C LYS B 324 -20.60 -4.44 14.13
N VAL B 325 -19.35 -4.94 14.16
CA VAL B 325 -18.42 -4.82 13.03
C VAL B 325 -18.89 -5.69 11.85
N PHE B 326 -19.35 -6.91 12.14
CA PHE B 326 -19.79 -7.87 11.13
C PHE B 326 -21.30 -7.88 10.91
N ARG B 327 -21.77 -8.54 9.83
CA ARG B 327 -23.22 -8.66 9.55
C ARG B 327 -23.94 -9.44 10.66
N PRO B 328 -25.28 -9.27 10.84
CA PRO B 328 -25.97 -9.99 11.93
C PRO B 328 -25.91 -11.52 11.88
N ARG B 329 -25.87 -12.12 10.68
CA ARG B 329 -25.81 -13.58 10.57
C ARG B 329 -24.42 -14.18 10.91
N THR B 330 -23.36 -13.35 11.08
CA THR B 330 -22.01 -13.86 11.35
C THR B 330 -21.95 -14.73 12.60
N PRO B 331 -21.37 -15.96 12.56
CA PRO B 331 -21.31 -16.77 13.79
C PRO B 331 -20.54 -16.05 14.90
N PRO B 332 -21.01 -16.08 16.17
CA PRO B 332 -20.26 -15.38 17.23
C PRO B 332 -18.86 -15.96 17.52
N GLU B 333 -18.63 -17.25 17.22
CA GLU B 333 -17.30 -17.85 17.41
C GLU B 333 -16.29 -17.23 16.43
N ALA B 334 -16.74 -16.85 15.21
CA ALA B 334 -15.88 -16.20 14.21
C ALA B 334 -15.45 -14.82 14.69
N ILE B 335 -16.36 -14.09 15.34
CA ILE B 335 -16.11 -12.75 15.88
C ILE B 335 -15.15 -12.86 17.08
N ALA B 336 -15.39 -13.84 17.97
CA ALA B 336 -14.55 -14.09 19.14
C ALA B 336 -13.12 -14.41 18.68
N LEU B 337 -12.97 -15.27 17.66
CA LEU B 337 -11.65 -15.60 17.10
C LEU B 337 -10.98 -14.34 16.55
N CYS B 338 -11.70 -13.51 15.76
CA CYS B 338 -11.17 -12.24 15.24
C CYS B 338 -10.59 -11.35 16.33
N SER B 339 -11.36 -11.12 17.41
CA SER B 339 -10.92 -10.24 18.49
C SER B 339 -9.66 -10.75 19.18
N ARG B 340 -9.43 -12.07 19.21
CA ARG B 340 -8.24 -12.62 19.84
C ARG B 340 -7.00 -12.67 18.90
N LEU B 341 -7.18 -12.41 17.59
CA LEU B 341 -6.08 -12.35 16.61
C LEU B 341 -5.70 -10.89 16.36
N LEU B 342 -6.71 -10.01 16.24
CA LEU B 342 -6.49 -8.59 15.98
C LEU B 342 -6.38 -7.80 17.28
N GLU B 343 -5.29 -8.04 18.02
CA GLU B 343 -4.98 -7.39 19.29
C GLU B 343 -3.80 -6.45 19.09
N TYR B 344 -3.81 -5.26 19.73
CA TYR B 344 -2.68 -4.33 19.64
C TYR B 344 -1.41 -4.98 20.21
N THR B 345 -1.47 -5.55 21.43
CA THR B 345 -0.32 -6.16 22.08
C THR B 345 0.09 -7.43 21.34
N PRO B 346 1.25 -7.47 20.66
CA PRO B 346 1.61 -8.67 19.90
C PRO B 346 1.60 -9.97 20.71
N THR B 347 2.05 -9.96 21.99
CA THR B 347 2.04 -11.16 22.85
C THR B 347 0.63 -11.60 23.27
N ALA B 348 -0.38 -10.71 23.21
CA ALA B 348 -1.76 -11.08 23.59
C ALA B 348 -2.48 -11.87 22.47
N ARG B 349 -1.99 -11.83 21.22
CA ARG B 349 -2.64 -12.54 20.12
C ARG B 349 -2.52 -14.05 20.32
N LEU B 350 -3.49 -14.83 19.79
CA LEU B 350 -3.38 -16.30 19.86
C LEU B 350 -2.17 -16.73 19.04
N THR B 351 -1.57 -17.87 19.40
CA THR B 351 -0.54 -18.43 18.55
C THR B 351 -1.33 -19.19 17.44
N PRO B 352 -0.69 -19.55 16.32
CA PRO B 352 -1.40 -20.32 15.28
C PRO B 352 -1.99 -21.64 15.79
N LEU B 353 -1.28 -22.33 16.69
CA LEU B 353 -1.75 -23.61 17.22
C LEU B 353 -2.98 -23.39 18.11
N GLU B 354 -2.96 -22.35 18.97
CA GLU B 354 -4.11 -21.99 19.80
C GLU B 354 -5.31 -21.60 18.90
N ALA B 355 -5.07 -20.91 17.77
CA ALA B 355 -6.12 -20.54 16.83
C ALA B 355 -6.76 -21.80 16.24
N CYS B 356 -5.96 -22.80 15.83
CA CYS B 356 -6.48 -24.10 15.34
C CYS B 356 -7.46 -24.74 16.34
N ALA B 357 -7.12 -24.66 17.63
CA ALA B 357 -7.92 -25.24 18.73
C ALA B 357 -9.14 -24.39 19.13
N HIS B 358 -9.34 -23.23 18.50
CA HIS B 358 -10.47 -22.35 18.82
C HIS B 358 -11.80 -23.03 18.46
N SER B 359 -12.88 -22.71 19.22
CA SER B 359 -14.20 -23.28 19.04
C SER B 359 -14.84 -22.97 17.67
N PHE B 360 -14.38 -21.90 16.96
CA PHE B 360 -14.86 -21.62 15.60
C PHE B 360 -14.57 -22.82 14.66
N PHE B 361 -13.49 -23.59 14.93
CA PHE B 361 -13.15 -24.77 14.12
C PHE B 361 -13.71 -26.12 14.65
N ASP B 362 -14.59 -26.11 15.69
CA ASP B 362 -15.14 -27.37 16.23
C ASP B 362 -15.89 -28.18 15.17
N GLU B 363 -16.63 -27.52 14.23
CA GLU B 363 -17.35 -28.25 13.17
C GLU B 363 -16.38 -29.12 12.35
N LEU B 364 -15.17 -28.61 12.08
CA LEU B 364 -14.18 -29.38 11.31
C LEU B 364 -13.75 -30.67 12.03
N ARG B 365 -13.84 -30.72 13.35
CA ARG B 365 -13.47 -31.90 14.15
C ARG B 365 -14.64 -32.90 14.32
N ASP B 366 -15.83 -32.62 13.74
CA ASP B 366 -16.98 -33.51 13.80
C ASP B 366 -16.73 -34.63 12.77
N PRO B 367 -16.87 -35.93 13.12
CA PRO B 367 -16.60 -36.97 12.13
C PRO B 367 -17.59 -37.04 10.96
N ASN B 368 -18.78 -36.44 11.08
CA ASN B 368 -19.79 -36.47 10.04
C ASN B 368 -19.72 -35.30 9.04
N VAL B 369 -18.82 -34.31 9.25
CA VAL B 369 -18.74 -33.17 8.34
C VAL B 369 -18.23 -33.57 6.96
N LYS B 370 -18.83 -33.01 5.92
CA LYS B 370 -18.41 -33.27 4.53
C LYS B 370 -18.39 -31.93 3.77
N LEU B 371 -17.72 -31.89 2.62
CA LEU B 371 -17.67 -30.69 1.80
C LEU B 371 -19.03 -30.47 1.11
N PRO B 372 -19.40 -29.22 0.73
CA PRO B 372 -20.66 -29.02 -0.01
C PRO B 372 -20.75 -29.81 -1.32
N ASN B 373 -19.60 -30.20 -1.94
CA ASN B 373 -19.63 -31.02 -3.16
C ASN B 373 -19.78 -32.54 -2.87
N GLY B 374 -20.07 -32.93 -1.63
CA GLY B 374 -20.22 -34.32 -1.25
C GLY B 374 -18.95 -35.05 -0.84
N ARG B 375 -17.76 -34.53 -1.22
CA ARG B 375 -16.49 -35.19 -0.86
C ARG B 375 -16.14 -35.08 0.63
N ASP B 376 -15.19 -35.89 1.09
CA ASP B 376 -14.70 -35.79 2.46
C ASP B 376 -13.80 -34.55 2.59
N THR B 377 -13.66 -34.03 3.82
CA THR B 377 -12.76 -32.91 4.08
C THR B 377 -11.30 -33.34 3.82
N PRO B 378 -10.42 -32.39 3.48
CA PRO B 378 -9.00 -32.76 3.29
C PRO B 378 -8.35 -33.17 4.64
N ALA B 379 -7.08 -33.58 4.61
CA ALA B 379 -6.35 -33.95 5.83
C ALA B 379 -6.30 -32.73 6.79
N LEU B 380 -6.73 -32.90 8.05
CA LEU B 380 -6.74 -31.80 9.01
C LEU B 380 -6.10 -32.13 10.36
N PHE B 381 -5.87 -33.41 10.67
CA PHE B 381 -5.41 -33.83 12.00
C PHE B 381 -4.10 -34.60 12.02
N ASN B 382 -3.38 -34.69 10.89
CA ASN B 382 -2.11 -35.43 10.79
C ASN B 382 -0.97 -34.59 11.35
N PHE B 383 -1.11 -34.16 12.61
CA PHE B 383 -0.13 -33.31 13.28
C PHE B 383 1.11 -34.08 13.64
N THR B 384 2.30 -33.49 13.37
CA THR B 384 3.58 -34.09 13.75
C THR B 384 4.03 -33.45 15.08
N THR B 385 5.07 -34.05 15.72
CA THR B 385 5.64 -33.52 16.96
C THR B 385 6.15 -32.08 16.74
N GLN B 386 6.80 -31.86 15.60
CA GLN B 386 7.31 -30.53 15.20
C GLN B 386 6.17 -29.48 15.22
N GLU B 387 5.01 -29.78 14.60
CA GLU B 387 3.85 -28.88 14.55
C GLU B 387 3.26 -28.55 15.91
N LEU B 388 3.18 -29.55 16.81
CA LEU B 388 2.59 -29.38 18.14
C LEU B 388 3.58 -28.80 19.19
N SER B 389 4.90 -28.73 18.87
CA SER B 389 5.98 -28.36 19.81
C SER B 389 5.77 -27.04 20.60
N SER B 390 5.04 -26.03 20.08
CA SER B 390 4.81 -24.81 20.88
C SER B 390 3.90 -25.10 22.07
N ASN B 391 3.01 -26.12 21.98
CA ASN B 391 2.08 -26.42 23.07
C ASN B 391 1.55 -27.87 22.89
N PRO B 392 2.40 -28.88 23.19
CA PRO B 392 1.96 -30.28 23.00
C PRO B 392 0.60 -30.66 23.63
N PRO B 393 0.25 -30.20 24.86
CA PRO B 393 -1.09 -30.55 25.41
C PRO B 393 -2.30 -30.14 24.56
N LEU B 394 -2.14 -29.21 23.58
CA LEU B 394 -3.24 -28.83 22.70
C LEU B 394 -3.68 -29.97 21.79
N ALA B 395 -2.83 -30.99 21.58
CA ALA B 395 -3.21 -32.17 20.80
C ALA B 395 -4.48 -32.87 21.37
N THR B 396 -4.83 -32.63 22.66
CA THR B 396 -6.04 -33.20 23.27
C THR B 396 -7.34 -32.64 22.64
N ILE B 397 -7.26 -31.43 22.04
CA ILE B 397 -8.36 -30.78 21.29
C ILE B 397 -8.17 -31.00 19.79
N LEU B 398 -6.95 -30.76 19.29
CA LEU B 398 -6.65 -30.78 17.85
C LEU B 398 -6.85 -32.11 17.14
N ILE B 399 -6.53 -33.24 17.79
CA ILE B 399 -6.69 -34.55 17.16
C ILE B 399 -7.96 -35.15 17.79
N PRO B 400 -9.13 -35.10 17.10
CA PRO B 400 -10.35 -35.58 17.75
C PRO B 400 -10.38 -37.10 18.00
N PRO B 401 -11.31 -37.59 18.85
CA PRO B 401 -11.40 -39.04 19.11
C PRO B 401 -11.34 -39.96 17.89
N HIS B 402 -12.12 -39.65 16.82
CA HIS B 402 -12.12 -40.46 15.60
C HIS B 402 -10.77 -40.48 14.89
N ALA B 403 -9.99 -39.40 14.99
CA ALA B 403 -8.67 -39.36 14.37
C ALA B 403 -7.62 -40.19 15.15
N ARG B 404 -7.92 -40.61 16.40
CA ARG B 404 -7.03 -41.43 17.23
C ARG B 404 -7.39 -42.94 17.18
N ILE B 405 -8.35 -43.36 16.34
CA ILE B 405 -8.71 -44.78 16.26
C ILE B 405 -7.64 -45.50 15.44
N1 U3E C . -9.88 15.02 1.14
N3 U3E C . -11.61 16.12 -1.95
C4 U3E C . -12.18 11.07 -0.55
C5 U3E C . -10.03 10.74 0.44
C6 U3E C . -12.26 19.43 -3.37
C7 U3E C . -11.30 13.93 -0.98
C8 U3E C . -12.38 17.32 -4.49
C10 U3E C . -10.09 13.70 1.05
C13 U3E C . -10.80 13.09 0.01
C15 U3E C . -11.08 15.30 -0.91
C17 U3E C . -11.50 17.46 -2.09
C20 U3E C . -14.65 14.44 -8.69
C21 U3E C . -13.88 15.72 -8.46
C1 U3E C . -11.39 8.85 -0.12
C2 U3E C . -12.36 9.70 -0.59
C3 U3E C . -10.23 9.37 0.40
C9 U3E C . -12.77 20.00 -4.51
C11 U3E C . -10.37 15.79 0.17
C12 U3E C . -11.01 11.62 -0.04
C14 U3E C . -12.05 18.06 -3.35
C16 U3E C . -12.88 17.99 -5.60
C18 U3E C . -13.47 16.05 -7.03
C19 U3E C . -13.22 14.54 -9.12
N2 U3E C . -13.08 19.32 -5.62
N4 U3E C . -13.24 17.37 -6.81
O1 U3E C . -11.01 18.17 -1.22
O2 U3E C . -13.38 15.18 -6.17
H17 U3E C . -12.15 15.60 -2.64
H4 U3E C . -12.97 11.71 -0.93
H5 U3E C . -9.10 11.11 0.85
H6 U3E C . -12.04 20.05 -2.52
H7 U3E C . -11.85 13.49 -1.81
H8 U3E C . -12.23 16.25 -4.52
H10 U3E C . -9.68 13.12 1.86
H14 U3E C . -14.89 13.83 -7.83
H15 U3E C . -15.41 14.44 -9.45
H16 U3E C . -14.17 16.56 -9.08
H1 U3E C . -11.54 7.78 -0.15
H2 U3E C . -13.29 9.29 -1.00
H3 U3E C . -9.46 8.70 0.77
H9 U3E C . -12.94 21.07 -4.57
H11 U3E C . -10.15 16.84 0.31
H12 U3E C . -13.02 14.57 -10.17
H13 U3E C . -12.48 13.99 -8.54
H18 U3E C . -13.29 18.01 -7.59
N1 U3E D . 5.82 -16.09 -5.59
N3 U3E D . 3.21 -18.23 -7.14
C4 U3E D . 4.24 -12.24 -6.84
C5 U3E D . 3.59 -13.29 -8.89
C6 U3E D . 2.66 -21.85 -7.07
C7 U3E D . 3.66 -15.88 -7.33
C8 U3E D . 1.12 -20.15 -7.77
C10 U3E D . 5.47 -14.91 -6.14
C13 U3E D . 4.41 -14.74 -7.00
C15 U3E D . 3.99 -17.11 -6.78
C17 U3E D . 3.36 -19.51 -6.70
C20 U3E D . -3.32 -18.96 -10.84
C21 U3E D . -2.93 -19.84 -9.70
C1 U3E D . 3.46 -10.91 -8.68
C2 U3E D . 3.94 -11.00 -7.38
C3 U3E D . 3.29 -12.05 -9.42
C9 U3E D . 1.75 -22.79 -7.51
C11 U3E D . 5.09 -17.16 -5.92
C12 U3E D . 4.06 -13.41 -7.58
C14 U3E D . 2.35 -20.50 -7.20
C16 U3E D . 0.27 -21.18 -8.18
C18 U3E D . -1.49 -19.77 -9.25
C19 U3E D . -3.79 -18.64 -9.46
N2 U3E D . 0.58 -22.47 -8.06
N4 U3E D . -0.99 -20.94 -8.77
O1 U3E D . 4.22 -19.85 -5.89
O2 U3E D . -0.83 -18.74 -9.31
H17 U3E D . 2.50 -18.03 -7.82
H4 U3E D . 4.60 -12.27 -5.82
H5 U3E D . 3.45 -14.17 -9.50
H6 U3E D . 3.59 -22.17 -6.63
H7 U3E D . 2.81 -15.78 -8.01
H8 U3E D . 0.85 -19.11 -7.88
H10 U3E D . 6.10 -14.09 -5.84
H14 U3E D . -2.56 -18.33 -11.29
H15 U3E D . -4.05 -19.33 -11.56
H16 U3E D . -3.38 -20.83 -9.67
H1 U3E D . 3.23 -9.94 -9.10
H2 U3E D . 4.07 -10.11 -6.79
H3 U3E D . 2.92 -11.98 -10.45
H9 U3E D . 1.95 -23.84 -7.42
H11 U3E D . 5.43 -18.06 -5.44
H12 U3E D . -4.84 -18.78 -9.25
H13 U3E D . -3.34 -17.79 -8.96
H18 U3E D . -1.57 -21.77 -8.84
#